data_6BGN
#
_entry.id   6BGN
#
_cell.length_a   87.413
_cell.length_b   88.011
_cell.length_c   112.674
_cell.angle_alpha   90.000
_cell.angle_beta   98.260
_cell.angle_gamma   90.000
#
_symmetry.space_group_name_H-M   'C 1 2 1'
#
loop_
_entity.id
_entity.type
_entity.pdbx_description
1 polymer '2-hydroxymuconate tautomerase'
2 non-polymer '5-fluoranyl-2-oxidanylidene-pentanoic acid'
3 non-polymer GLYCEROL
4 non-polymer 'NITRATE ION'
5 water water
#
_entity_poly.entity_id   1
_entity_poly.type   'polypeptide(L)'
_entity_poly.pdbx_seq_one_letter_code
;PIAQIHILEGRSDEQKETLIREVSEAISRSLDAPLTSVRVIITEMAKGHFGIGGELASKV
;
_entity_poly.pdbx_strand_id   A,B,C,D,E,F,G,H,I,J,K,L,M,N,O
#
# COMPACT_ATOMS: atom_id res chain seq x y z
N PRO A 1 -14.01 -4.69 13.71
CA PRO A 1 -14.26 -3.23 13.77
C PRO A 1 -14.24 -2.59 12.39
N ILE A 2 -15.20 -1.74 12.14
CA ILE A 2 -15.28 -0.97 10.90
C ILE A 2 -15.29 0.50 11.26
N ALA A 3 -14.26 1.21 10.77
CA ALA A 3 -14.14 2.63 11.03
C ALA A 3 -14.39 3.38 9.73
N GLN A 4 -15.11 4.48 9.80
CA GLN A 4 -15.29 5.39 8.66
C GLN A 4 -14.82 6.75 9.14
N ILE A 5 -13.95 7.40 8.37
CA ILE A 5 -13.38 8.67 8.72
C ILE A 5 -13.71 9.69 7.65
N HIS A 6 -14.51 10.69 8.00
CA HIS A 6 -14.80 11.84 7.13
C HIS A 6 -13.71 12.87 7.34
N ILE A 7 -13.06 13.21 6.23
CA ILE A 7 -12.03 14.23 6.21
C ILE A 7 -12.30 15.18 5.06
N LEU A 8 -11.74 16.39 5.13
CA LEU A 8 -11.86 17.29 3.99
C LEU A 8 -10.95 16.79 2.86
N GLU A 9 -11.39 17.02 1.64
CA GLU A 9 -10.55 16.76 0.45
C GLU A 9 -9.28 17.59 0.50
N GLY A 10 -8.26 17.12 -0.22
CA GLY A 10 -7.05 17.90 -0.49
C GLY A 10 -5.75 17.23 -0.10
N ARG A 11 -5.83 16.13 0.67
CA ARG A 11 -4.64 15.45 1.11
C ARG A 11 -4.11 14.45 0.07
N SER A 12 -2.82 14.17 0.17
CA SER A 12 -2.17 13.21 -0.72
C SER A 12 -2.60 11.78 -0.43
N ASP A 13 -2.44 10.91 -1.43
CA ASP A 13 -2.66 9.47 -1.25
C ASP A 13 -1.78 8.94 -0.12
N GLU A 14 -0.52 9.34 -0.11
CA GLU A 14 0.42 8.84 0.89
C GLU A 14 -0.04 9.15 2.31
N GLN A 15 -0.54 10.35 2.52
CA GLN A 15 -1.00 10.74 3.86
C GLN A 15 -2.26 9.97 4.26
N LYS A 16 -3.14 9.72 3.32
CA LYS A 16 -4.32 8.90 3.56
C LYS A 16 -3.97 7.44 3.87
N GLU A 17 -2.93 6.93 3.24
N GLU A 17 -2.95 6.91 3.21
CA GLU A 17 -2.50 5.55 3.48
CA GLU A 17 -2.49 5.55 3.49
C GLU A 17 -1.91 5.45 4.89
C GLU A 17 -1.96 5.49 4.93
N THR A 18 -1.22 6.51 5.33
CA THR A 18 -0.71 6.57 6.70
C THR A 18 -1.88 6.56 7.68
N LEU A 19 -2.85 7.42 7.44
CA LEU A 19 -4.08 7.49 8.25
C LEU A 19 -4.72 6.12 8.40
N ILE A 20 -4.92 5.41 7.31
CA ILE A 20 -5.47 4.07 7.35
C ILE A 20 -4.62 3.13 8.20
N ARG A 21 -3.32 3.11 7.97
CA ARG A 21 -2.46 2.22 8.73
CA ARG A 21 -2.43 2.25 8.72
C ARG A 21 -2.47 2.56 10.23
N GLU A 22 -2.30 3.82 10.56
N GLU A 22 -2.25 3.81 10.56
CA GLU A 22 -2.16 4.21 11.95
CA GLU A 22 -2.17 4.21 11.97
C GLU A 22 -3.47 4.07 12.73
C GLU A 22 -3.49 3.95 12.69
N VAL A 23 -4.58 4.34 12.09
CA VAL A 23 -5.91 4.11 12.71
C VAL A 23 -6.14 2.61 12.92
N SER A 24 -5.79 1.81 11.93
CA SER A 24 -6.03 0.39 12.02
C SER A 24 -5.22 -0.20 13.17
N GLU A 25 -3.94 0.21 13.25
CA GLU A 25 -3.07 -0.24 14.33
C GLU A 25 -3.63 0.18 15.70
N ALA A 26 -4.13 1.41 15.81
CA ALA A 26 -4.71 1.91 17.07
C ALA A 26 -5.94 1.09 17.49
N ILE A 27 -6.80 0.74 16.55
CA ILE A 27 -8.00 -0.06 16.85
C ILE A 27 -7.55 -1.43 17.29
N SER A 28 -6.65 -2.07 16.53
CA SER A 28 -6.19 -3.41 16.85
C SER A 28 -5.55 -3.48 18.26
N ARG A 29 -4.69 -2.51 18.54
CA ARG A 29 -3.98 -2.45 19.85
C ARG A 29 -4.95 -2.20 21.00
N SER A 30 -5.89 -1.27 20.79
CA SER A 30 -6.83 -0.85 21.85
C SER A 30 -7.74 -2.00 22.26
N LEU A 31 -8.18 -2.76 21.27
CA LEU A 31 -9.22 -3.78 21.44
C LEU A 31 -8.67 -5.21 21.51
N ASP A 32 -7.37 -5.40 21.33
CA ASP A 32 -6.82 -6.73 21.11
C ASP A 32 -7.59 -7.43 20.00
N ALA A 33 -7.82 -6.70 18.91
CA ALA A 33 -8.58 -7.20 17.78
C ALA A 33 -7.60 -7.53 16.66
N PRO A 34 -7.77 -8.71 16.04
CA PRO A 34 -6.85 -9.05 14.94
C PRO A 34 -6.83 -7.98 13.87
N LEU A 35 -5.64 -7.65 13.40
CA LEU A 35 -5.49 -6.54 12.51
C LEU A 35 -6.30 -6.79 11.24
N THR A 36 -6.36 -8.05 10.79
CA THR A 36 -7.10 -8.39 9.57
C THR A 36 -8.62 -8.26 9.73
N SER A 37 -9.09 -8.14 10.97
CA SER A 37 -10.51 -7.89 11.22
C SER A 37 -10.88 -6.39 11.10
N VAL A 38 -9.87 -5.52 10.95
CA VAL A 38 -10.10 -4.08 11.03
C VAL A 38 -10.25 -3.49 9.64
N ARG A 39 -11.39 -2.89 9.36
CA ARG A 39 -11.62 -2.21 8.10
C ARG A 39 -11.73 -0.72 8.32
N VAL A 40 -11.11 0.07 7.43
CA VAL A 40 -11.20 1.51 7.50
C VAL A 40 -11.61 2.08 6.16
N ILE A 41 -12.60 2.95 6.20
CA ILE A 41 -13.16 3.66 5.05
C ILE A 41 -12.85 5.15 5.22
N ILE A 42 -12.12 5.73 4.27
CA ILE A 42 -11.88 7.15 4.24
CA ILE A 42 -11.90 7.16 4.22
C ILE A 42 -12.92 7.77 3.29
N THR A 43 -13.64 8.77 3.79
CA THR A 43 -14.64 9.49 3.04
C THR A 43 -14.24 10.97 2.93
N GLU A 44 -13.83 11.38 1.71
CA GLU A 44 -13.44 12.75 1.51
C GLU A 44 -14.67 13.60 1.24
N MET A 45 -14.71 14.74 1.92
CA MET A 45 -15.76 15.73 1.76
C MET A 45 -15.27 16.88 0.89
N ALA A 46 -16.04 17.21 -0.13
CA ALA A 46 -15.77 18.41 -0.90
C ALA A 46 -15.87 19.64 0.02
N LYS A 47 -15.09 20.69 -0.24
CA LYS A 47 -15.04 21.82 0.72
C LYS A 47 -16.40 22.56 0.78
N GLY A 48 -17.15 22.53 -0.33
CA GLY A 48 -18.50 23.11 -0.38
C GLY A 48 -19.60 22.23 0.24
N HIS A 49 -19.20 21.09 0.78
CA HIS A 49 -20.14 20.12 1.34
C HIS A 49 -19.97 19.90 2.84
N PHE A 50 -19.14 20.71 3.49
CA PHE A 50 -18.95 20.59 4.94
C PHE A 50 -19.10 21.93 5.61
N GLY A 51 -20.09 22.00 6.52
CA GLY A 51 -20.38 23.17 7.34
C GLY A 51 -19.98 23.04 8.80
N ILE A 52 -19.45 24.11 9.37
CA ILE A 52 -19.33 24.29 10.80
C ILE A 52 -19.95 25.61 11.14
N GLY A 53 -20.93 25.61 12.03
CA GLY A 53 -21.58 26.85 12.39
C GLY A 53 -22.33 27.47 11.22
N GLY A 54 -22.78 26.63 10.29
CA GLY A 54 -23.52 27.10 9.12
C GLY A 54 -22.68 27.66 7.97
N GLU A 55 -21.36 27.76 8.21
CA GLU A 55 -20.35 28.31 7.27
C GLU A 55 -19.56 27.17 6.64
N LEU A 56 -19.28 27.30 5.35
CA LEU A 56 -18.56 26.27 4.63
C LEU A 56 -17.10 26.21 5.02
N ALA A 57 -16.58 25.01 4.85
CA ALA A 57 -15.13 24.74 4.77
C ALA A 57 -14.41 25.50 3.66
N SER A 58 -15.14 25.78 2.58
CA SER A 58 -14.60 26.53 1.48
C SER A 58 -14.56 28.06 1.74
N LYS A 59 -14.84 28.43 3.00
CA LYS A 59 -14.83 29.83 3.42
C LYS A 59 -14.35 29.95 4.87
N PRO B 1 -11.63 16.19 11.37
CA PRO B 1 -11.90 14.79 11.05
C PRO B 1 -12.91 14.17 12.00
N ILE B 2 -13.85 13.43 11.43
CA ILE B 2 -14.91 12.75 12.21
C ILE B 2 -14.82 11.29 11.89
N ALA B 3 -14.47 10.48 12.90
CA ALA B 3 -14.44 9.03 12.77
C ALA B 3 -15.61 8.38 13.48
N GLN B 4 -16.18 7.38 12.85
CA GLN B 4 -17.20 6.54 13.49
C GLN B 4 -16.72 5.10 13.43
N ILE B 5 -16.71 4.41 14.56
CA ILE B 5 -16.22 3.06 14.63
C ILE B 5 -17.32 2.14 15.11
N HIS B 6 -17.72 1.20 14.26
CA HIS B 6 -18.69 0.14 14.59
C HIS B 6 -17.92 -1.01 15.20
N ILE B 7 -18.28 -1.34 16.43
CA ILE B 7 -17.68 -2.45 17.15
C ILE B 7 -18.79 -3.32 17.74
N LEU B 8 -18.48 -4.58 18.01
CA LEU B 8 -19.44 -5.43 18.70
CA LEU B 8 -19.41 -5.46 18.71
C LEU B 8 -19.54 -5.03 20.17
N GLU B 9 -20.77 -5.07 20.68
CA GLU B 9 -21.02 -4.92 22.10
C GLU B 9 -20.20 -5.89 22.95
N GLY B 10 -19.98 -5.50 24.20
CA GLY B 10 -19.41 -6.41 25.18
C GLY B 10 -18.18 -5.92 25.91
N ARG B 11 -17.57 -4.85 25.41
CA ARG B 11 -16.40 -4.28 26.04
C ARG B 11 -16.72 -3.31 27.17
N SER B 12 -15.75 -3.15 28.06
CA SER B 12 -15.84 -2.21 29.15
C SER B 12 -15.79 -0.76 28.70
N ASP B 13 -16.34 0.13 29.51
CA ASP B 13 -16.20 1.56 29.28
C ASP B 13 -14.72 1.96 29.17
N GLU B 14 -13.89 1.41 30.04
CA GLU B 14 -12.48 1.78 30.06
C GLU B 14 -11.81 1.42 28.71
N GLN B 15 -12.11 0.25 28.20
CA GLN B 15 -11.50 -0.16 26.93
C GLN B 15 -11.99 0.72 25.79
N LYS B 16 -13.26 1.14 25.84
CA LYS B 16 -13.78 2.03 24.80
C LYS B 16 -13.18 3.42 24.91
N GLU B 17 -12.90 3.85 26.13
CA GLU B 17 -12.23 5.13 26.32
C GLU B 17 -10.81 5.08 25.72
N THR B 18 -10.13 3.96 25.90
CA THR B 18 -8.79 3.79 25.33
C THR B 18 -8.86 3.83 23.81
N LEU B 19 -9.84 3.17 23.27
CA LEU B 19 -10.08 3.14 21.81
C LEU B 19 -10.24 4.56 21.29
N ILE B 20 -11.12 5.34 21.91
CA ILE B 20 -11.36 6.71 21.49
C ILE B 20 -10.03 7.50 21.54
N ARG B 21 -9.31 7.41 22.64
CA ARG B 21 -8.10 8.21 22.82
C ARG B 21 -7.04 7.81 21.78
N GLU B 22 -6.77 6.52 21.68
CA GLU B 22 -5.72 6.04 20.75
C GLU B 22 -6.07 6.32 19.28
N VAL B 23 -7.32 6.15 18.88
CA VAL B 23 -7.74 6.49 17.54
C VAL B 23 -7.60 7.99 17.30
N SER B 24 -8.02 8.81 18.27
CA SER B 24 -7.95 10.26 18.10
C SER B 24 -6.48 10.68 17.91
N GLU B 25 -5.59 10.12 18.72
CA GLU B 25 -4.15 10.43 18.61
C GLU B 25 -3.61 10.02 17.24
N ALA B 26 -4.03 8.86 16.75
CA ALA B 26 -3.54 8.34 15.46
C ALA B 26 -4.00 9.26 14.33
N ILE B 27 -5.24 9.73 14.39
CA ILE B 27 -5.75 10.63 13.37
C ILE B 27 -4.95 11.95 13.42
N SER B 28 -4.82 12.52 14.60
CA SER B 28 -4.11 13.78 14.80
C SER B 28 -2.68 13.69 14.27
N ARG B 29 -2.00 12.61 14.63
CA ARG B 29 -0.59 12.39 14.21
C ARG B 29 -0.50 12.22 12.68
N SER B 30 -1.37 11.42 12.10
CA SER B 30 -1.31 11.03 10.68
CA SER B 30 -1.17 11.06 10.71
C SER B 30 -1.57 12.23 9.80
N LEU B 31 -2.51 13.06 10.24
CA LEU B 31 -3.00 14.19 9.46
C LEU B 31 -2.34 15.52 9.81
N ASP B 32 -1.51 15.54 10.85
CA ASP B 32 -0.93 16.78 11.37
CA ASP B 32 -0.94 16.79 11.34
C ASP B 32 -2.06 17.78 11.62
N ALA B 33 -3.08 17.27 12.35
CA ALA B 33 -4.29 18.04 12.69
C ALA B 33 -4.30 18.27 14.20
N PRO B 34 -4.78 19.44 14.63
CA PRO B 34 -4.92 19.61 16.06
C PRO B 34 -5.79 18.54 16.67
N LEU B 35 -5.38 18.01 17.81
CA LEU B 35 -6.17 16.96 18.45
C LEU B 35 -7.60 17.39 18.76
N THR B 36 -7.80 18.66 19.12
CA THR B 36 -9.16 19.19 19.38
C THR B 36 -10.09 19.15 18.17
N SER B 37 -9.54 19.04 16.97
CA SER B 37 -10.37 18.96 15.76
C SER B 37 -10.94 17.57 15.50
N VAL B 38 -10.48 16.58 16.26
CA VAL B 38 -10.80 15.18 15.99
C VAL B 38 -12.00 14.72 16.84
N ARG B 39 -13.05 14.27 16.17
CA ARG B 39 -14.20 13.72 16.83
C ARG B 39 -14.29 12.24 16.52
N VAL B 40 -14.57 11.43 17.55
CA VAL B 40 -14.73 9.99 17.40
C VAL B 40 -16.04 9.51 18.01
N ILE B 41 -16.76 8.76 17.22
CA ILE B 41 -18.07 8.18 17.59
C ILE B 41 -17.93 6.67 17.63
N ILE B 42 -18.18 6.06 18.79
CA ILE B 42 -18.24 4.61 18.89
C ILE B 42 -19.67 4.17 18.78
N THR B 43 -19.92 3.25 17.88
CA THR B 43 -21.24 2.69 17.70
C THR B 43 -21.18 1.20 18.00
N GLU B 44 -21.79 0.78 19.11
CA GLU B 44 -21.82 -0.61 19.44
C GLU B 44 -22.95 -1.31 18.74
N MET B 45 -22.62 -2.45 18.18
CA MET B 45 -23.55 -3.32 17.50
C MET B 45 -23.96 -4.48 18.39
N ALA B 46 -25.26 -4.70 18.49
CA ALA B 46 -25.75 -5.90 19.16
C ALA B 46 -25.26 -7.15 18.41
N LYS B 47 -24.98 -8.22 19.13
CA LYS B 47 -24.39 -9.40 18.48
C LYS B 47 -25.32 -10.00 17.42
N GLY B 48 -26.64 -9.81 17.58
CA GLY B 48 -27.61 -10.27 16.58
C GLY B 48 -27.82 -9.35 15.40
N HIS B 49 -27.04 -8.27 15.36
CA HIS B 49 -27.18 -7.23 14.32
C HIS B 49 -25.98 -7.09 13.37
N PHE B 50 -25.01 -7.95 13.51
CA PHE B 50 -23.81 -7.92 12.67
C PHE B 50 -23.54 -9.25 12.04
N GLY B 51 -23.50 -9.25 10.70
CA GLY B 51 -23.25 -10.44 9.94
C GLY B 51 -21.94 -10.39 9.17
N ILE B 52 -21.24 -11.52 9.14
CA ILE B 52 -20.10 -11.72 8.25
C ILE B 52 -20.34 -13.00 7.48
N GLY B 53 -20.38 -12.92 6.16
CA GLY B 53 -20.73 -14.07 5.35
C GLY B 53 -22.14 -14.59 5.58
N GLY B 54 -23.04 -13.70 6.00
CA GLY B 54 -24.43 -14.06 6.27
C GLY B 54 -24.70 -14.64 7.66
N GLU B 55 -23.61 -14.90 8.39
CA GLU B 55 -23.62 -15.49 9.72
C GLU B 55 -23.57 -14.40 10.76
N LEU B 56 -24.26 -14.59 11.89
CA LEU B 56 -24.14 -13.65 12.97
C LEU B 56 -22.80 -13.72 13.69
N ALA B 57 -22.39 -12.57 14.17
CA ALA B 57 -21.55 -12.37 15.37
C ALA B 57 -21.86 -13.19 16.60
N SER B 58 -23.14 -13.30 16.92
CA SER B 58 -23.55 -14.00 18.12
C SER B 58 -23.27 -15.50 17.95
N LYS B 59 -22.72 -15.87 16.80
CA LYS B 59 -22.39 -17.27 16.52
C LYS B 59 -20.91 -17.43 16.20
N VAL B 60 -20.44 -16.68 15.20
CA VAL B 60 -19.02 -16.61 14.88
C VAL B 60 -18.40 -15.39 15.53
N PRO C 1 -37.23 0.85 5.24
CA PRO C 1 -35.86 0.37 5.44
C PRO C 1 -34.95 1.15 4.51
N ILE C 2 -33.84 1.62 5.06
CA ILE C 2 -32.83 2.35 4.25
C ILE C 2 -31.51 1.61 4.37
N ALA C 3 -31.01 1.14 3.22
CA ALA C 3 -29.76 0.40 3.18
C ALA C 3 -28.70 1.29 2.48
N GLN C 4 -27.50 1.25 3.01
CA GLN C 4 -26.34 1.86 2.35
C GLN C 4 -25.32 0.79 2.20
N ILE C 5 -24.78 0.65 0.96
CA ILE C 5 -23.82 -0.38 0.68
C ILE C 5 -22.52 0.27 0.15
N HIS C 6 -21.46 0.10 0.91
CA HIS C 6 -20.12 0.55 0.55
C HIS C 6 -19.46 -0.58 -0.25
N ILE C 7 -19.06 -0.26 -1.49
CA ILE C 7 -18.42 -1.19 -2.41
C ILE C 7 -17.21 -0.48 -3.00
N LEU C 8 -16.23 -1.28 -3.43
CA LEU C 8 -15.11 -0.68 -4.17
C LEU C 8 -15.54 -0.17 -5.55
N GLU C 9 -14.98 0.96 -5.96
CA GLU C 9 -15.15 1.49 -7.31
C GLU C 9 -14.74 0.43 -8.35
N GLY C 10 -15.33 0.55 -9.52
CA GLY C 10 -14.88 -0.19 -10.69
C GLY C 10 -15.94 -0.99 -11.42
N ARG C 11 -17.13 -1.12 -10.82
CA ARG C 11 -18.18 -1.87 -11.46
C ARG C 11 -19.00 -1.03 -12.44
N SER C 12 -19.67 -1.71 -13.36
CA SER C 12 -20.52 -1.03 -14.33
C SER C 12 -21.80 -0.51 -13.72
N ASP C 13 -22.41 0.46 -14.38
CA ASP C 13 -23.71 0.96 -13.99
C ASP C 13 -24.72 -0.18 -13.96
N GLU C 14 -24.66 -1.07 -14.95
CA GLU C 14 -25.63 -2.15 -15.06
C GLU C 14 -25.56 -3.02 -13.82
N GLN C 15 -24.36 -3.38 -13.41
CA GLN C 15 -24.21 -4.27 -12.30
C GLN C 15 -24.70 -3.60 -11.04
N LYS C 16 -24.39 -2.32 -10.87
CA LYS C 16 -24.89 -1.58 -9.70
C LYS C 16 -26.41 -1.47 -9.67
N GLU C 17 -27.04 -1.30 -10.84
CA GLU C 17 -28.49 -1.29 -10.94
C GLU C 17 -29.06 -2.63 -10.44
N THR C 18 -28.43 -3.73 -10.86
CA THR C 18 -28.86 -5.06 -10.44
C THR C 18 -28.72 -5.22 -8.93
N LEU C 19 -27.59 -4.80 -8.38
CA LEU C 19 -27.38 -4.77 -6.92
C LEU C 19 -28.52 -4.05 -6.20
N ILE C 20 -28.82 -2.84 -6.62
CA ILE C 20 -29.88 -2.05 -6.00
C ILE C 20 -31.19 -2.83 -6.06
N ARG C 21 -31.56 -3.33 -7.23
CA ARG C 21 -32.84 -3.99 -7.39
C ARG C 21 -32.95 -5.26 -6.57
N GLU C 22 -31.93 -6.11 -6.67
CA GLU C 22 -31.93 -7.39 -5.99
C GLU C 22 -31.82 -7.26 -4.48
N VAL C 23 -31.03 -6.32 -3.99
CA VAL C 23 -30.97 -6.09 -2.55
C VAL C 23 -32.31 -5.54 -2.06
N SER C 24 -32.93 -4.64 -2.81
CA SER C 24 -34.24 -4.06 -2.41
C SER C 24 -35.28 -5.16 -2.27
N GLU C 25 -35.28 -6.07 -3.25
CA GLU C 25 -36.22 -7.20 -3.23
C GLU C 25 -35.93 -8.11 -2.05
N ALA C 26 -34.68 -8.33 -1.74
CA ALA C 26 -34.32 -9.21 -0.59
C ALA C 26 -34.80 -8.61 0.71
N ILE C 27 -34.62 -7.31 0.87
CA ILE C 27 -35.09 -6.62 2.06
C ILE C 27 -36.59 -6.72 2.15
N SER C 28 -37.30 -6.45 1.08
CA SER C 28 -38.75 -6.52 1.04
C SER C 28 -39.24 -7.91 1.41
N ARG C 29 -38.61 -8.94 0.85
CA ARG C 29 -39.01 -10.32 1.08
C ARG C 29 -38.75 -10.72 2.54
N SER C 30 -37.57 -10.41 3.05
CA SER C 30 -37.13 -10.80 4.41
CA SER C 30 -37.21 -10.89 4.37
C SER C 30 -38.03 -10.16 5.45
N LEU C 31 -38.41 -8.92 5.20
CA LEU C 31 -39.16 -8.12 6.19
C LEU C 31 -40.66 -8.09 5.97
N ASP C 32 -41.15 -8.73 4.89
CA ASP C 32 -42.55 -8.59 4.52
CA ASP C 32 -42.52 -8.59 4.50
C ASP C 32 -42.92 -7.10 4.47
N ALA C 33 -42.10 -6.31 3.79
CA ALA C 33 -42.30 -4.86 3.67
C ALA C 33 -42.58 -4.54 2.21
N PRO C 34 -43.44 -3.56 1.94
CA PRO C 34 -43.66 -3.17 0.54
C PRO C 34 -42.37 -2.73 -0.09
N LEU C 35 -42.15 -3.21 -1.32
CA LEU C 35 -40.90 -2.86 -2.00
C LEU C 35 -40.74 -1.33 -2.16
N THR C 36 -41.85 -0.60 -2.35
CA THR C 36 -41.77 0.86 -2.47
C THR C 36 -41.19 1.56 -1.23
N SER C 37 -41.21 0.87 -0.08
CA SER C 37 -40.71 1.46 1.15
C SER C 37 -39.19 1.33 1.32
N VAL C 38 -38.53 0.65 0.39
CA VAL C 38 -37.11 0.35 0.50
C VAL C 38 -36.23 1.30 -0.32
N ARG C 39 -35.31 1.95 0.37
CA ARG C 39 -34.33 2.84 -0.23
C ARG C 39 -32.97 2.21 -0.11
N VAL C 40 -32.22 2.29 -1.20
CA VAL C 40 -30.84 1.82 -1.19
C VAL C 40 -29.88 2.89 -1.73
N ILE C 41 -28.78 3.08 -1.01
CA ILE C 41 -27.73 4.01 -1.38
C ILE C 41 -26.48 3.20 -1.64
N ILE C 42 -25.93 3.32 -2.86
CA ILE C 42 -24.64 2.73 -3.15
C ILE C 42 -23.57 3.78 -3.01
N THR C 43 -22.56 3.45 -2.22
CA THR C 43 -21.43 4.35 -1.97
C THR C 43 -20.16 3.66 -2.45
N GLU C 44 -19.58 4.21 -3.51
CA GLU C 44 -18.36 3.66 -4.05
C GLU C 44 -17.17 4.26 -3.36
N MET C 45 -16.26 3.39 -2.96
CA MET C 45 -15.01 3.76 -2.33
C MET C 45 -13.88 3.76 -3.37
N ALA C 46 -13.12 4.84 -3.37
CA ALA C 46 -11.90 4.86 -4.13
C ALA C 46 -10.93 3.80 -3.60
N LYS C 47 -10.08 3.29 -4.48
CA LYS C 47 -9.22 2.16 -4.11
C LYS C 47 -8.21 2.55 -3.02
N GLY C 48 -7.84 3.83 -2.99
CA GLY C 48 -6.92 4.32 -1.96
C GLY C 48 -7.61 4.74 -0.67
N HIS C 49 -8.92 4.49 -0.57
CA HIS C 49 -9.71 4.93 0.59
C HIS C 49 -10.28 3.77 1.39
N PHE C 50 -9.92 2.55 1.07
CA PHE C 50 -10.42 1.39 1.81
C PHE C 50 -9.28 0.49 2.26
N GLY C 51 -9.19 0.30 3.57
CA GLY C 51 -8.20 -0.52 4.17
C GLY C 51 -8.75 -1.76 4.84
N ILE C 52 -8.01 -2.87 4.68
CA ILE C 52 -8.20 -4.10 5.47
C ILE C 52 -6.89 -4.44 6.11
N GLY C 53 -6.88 -4.52 7.44
CA GLY C 53 -5.65 -4.82 8.13
C GLY C 53 -4.58 -3.74 8.01
N GLY C 54 -5.01 -2.50 7.77
CA GLY C 54 -4.13 -1.35 7.68
C GLY C 54 -3.48 -1.20 6.31
N GLU C 55 -3.84 -2.09 5.38
CA GLU C 55 -3.34 -2.05 4.01
C GLU C 55 -4.48 -1.73 3.06
N LEU C 56 -4.16 -1.06 1.95
CA LEU C 56 -5.17 -0.81 0.95
C LEU C 56 -5.69 -2.12 0.40
N ALA C 57 -7.02 -2.27 0.36
CA ALA C 57 -7.63 -3.57 0.04
C ALA C 57 -7.40 -3.89 -1.41
N SER C 58 -7.17 -2.84 -2.20
CA SER C 58 -6.85 -2.95 -3.65
C SER C 58 -5.51 -3.63 -3.92
N LYS C 59 -4.77 -3.88 -2.84
CA LYS C 59 -3.42 -4.41 -2.91
C LYS C 59 -3.25 -5.58 -1.96
N PRO D 1 -1.87 32.65 -23.28
CA PRO D 1 -1.56 31.21 -23.34
C PRO D 1 -2.41 30.41 -22.36
N ILE D 2 -2.83 29.24 -22.79
CA ILE D 2 -3.65 28.34 -22.00
C ILE D 2 -2.96 27.00 -21.98
N ALA D 3 -2.62 26.52 -20.78
CA ALA D 3 -2.00 25.21 -20.60
C ALA D 3 -2.95 24.26 -19.90
N GLN D 4 -2.96 23.02 -20.33
CA GLN D 4 -3.69 21.94 -19.66
C GLN D 4 -2.68 20.87 -19.33
N ILE D 5 -2.64 20.45 -18.08
CA ILE D 5 -1.69 19.48 -17.61
C ILE D 5 -2.39 18.25 -17.06
N HIS D 6 -2.24 17.13 -17.75
CA HIS D 6 -2.76 15.84 -17.29
C HIS D 6 -1.75 15.21 -16.37
N ILE D 7 -2.19 14.93 -15.14
CA ILE D 7 -1.37 14.32 -14.14
C ILE D 7 -2.14 13.17 -13.50
N LEU D 8 -1.41 12.20 -12.96
CA LEU D 8 -2.06 11.14 -12.21
C LEU D 8 -2.63 11.70 -10.91
N GLU D 9 -3.78 11.14 -10.52
CA GLU D 9 -4.40 11.44 -9.22
CA GLU D 9 -4.41 11.42 -9.22
C GLU D 9 -3.44 11.13 -8.08
N GLY D 10 -3.70 11.76 -6.94
CA GLY D 10 -3.10 11.37 -5.66
C GLY D 10 -2.30 12.46 -4.99
N ARG D 11 -2.09 13.59 -5.67
CA ARG D 11 -1.30 14.66 -5.08
CA ARG D 11 -1.29 14.65 -5.08
C ARG D 11 -2.13 15.58 -4.21
N SER D 12 -1.45 16.25 -3.28
CA SER D 12 -2.11 17.20 -2.40
C SER D 12 -2.54 18.48 -3.14
N ASP D 13 -3.52 19.17 -2.59
CA ASP D 13 -3.93 20.47 -3.10
C ASP D 13 -2.74 21.43 -3.15
N GLU D 14 -1.91 21.41 -2.11
CA GLU D 14 -0.80 22.36 -2.03
C GLU D 14 0.17 22.13 -3.18
N GLN D 15 0.42 20.87 -3.48
CA GLN D 15 1.34 20.54 -4.56
C GLN D 15 0.79 21.04 -5.91
N LYS D 16 -0.50 20.88 -6.11
CA LYS D 16 -1.15 21.33 -7.34
C LYS D 16 -1.19 22.86 -7.44
N GLU D 17 -1.36 23.55 -6.32
CA GLU D 17 -1.26 25.01 -6.28
CA GLU D 17 -1.26 25.01 -6.34
C GLU D 17 0.14 25.46 -6.72
N THR D 18 1.15 24.78 -6.23
CA THR D 18 2.52 25.06 -6.63
C THR D 18 2.69 24.86 -8.14
N LEU D 19 2.21 23.73 -8.62
CA LEU D 19 2.26 23.41 -10.05
C LEU D 19 1.67 24.53 -10.89
N ILE D 20 0.48 24.96 -10.56
CA ILE D 20 -0.17 26.06 -11.27
C ILE D 20 0.73 27.30 -11.27
N ARG D 21 1.20 27.71 -10.10
CA ARG D 21 1.99 28.93 -10.00
CA ARG D 21 2.01 28.92 -9.96
C ARG D 21 3.29 28.83 -10.79
N GLU D 22 4.03 27.76 -10.57
CA GLU D 22 5.36 27.65 -11.15
C GLU D 22 5.29 27.46 -12.67
N VAL D 23 4.33 26.69 -13.18
CA VAL D 23 4.12 26.59 -14.62
C VAL D 23 3.67 27.89 -15.22
N SER D 24 2.82 28.63 -14.52
CA SER D 24 2.34 29.90 -15.06
C SER D 24 3.50 30.88 -15.24
N GLU D 25 4.36 30.94 -14.25
CA GLU D 25 5.52 31.82 -14.31
C GLU D 25 6.48 31.37 -15.41
N ALA D 26 6.68 30.07 -15.58
CA ALA D 26 7.53 29.54 -16.66
C ALA D 26 7.01 29.96 -18.02
N ILE D 27 5.70 29.89 -18.21
CA ILE D 27 5.10 30.26 -19.48
C ILE D 27 5.31 31.75 -19.73
N SER D 28 5.03 32.56 -18.70
CA SER D 28 5.13 34.00 -18.78
C SER D 28 6.55 34.41 -19.19
N ARG D 29 7.54 33.83 -18.54
CA ARG D 29 8.90 34.28 -18.75
C ARG D 29 9.45 33.75 -20.09
N SER D 30 8.98 32.58 -20.50
CA SER D 30 9.45 31.95 -21.74
C SER D 30 8.95 32.72 -22.95
N LEU D 31 7.73 33.22 -22.83
CA LEU D 31 7.03 33.88 -23.93
C LEU D 31 7.02 35.38 -23.85
N ASP D 32 7.57 35.93 -22.77
CA ASP D 32 7.41 37.36 -22.50
C ASP D 32 5.93 37.74 -22.58
N ALA D 33 5.10 36.90 -21.99
CA ALA D 33 3.66 37.12 -21.95
C ALA D 33 3.23 37.58 -20.55
N PRO D 34 2.32 38.56 -20.47
CA PRO D 34 1.91 39.00 -19.15
C PRO D 34 1.36 37.85 -18.33
N LEU D 35 1.77 37.78 -17.08
CA LEU D 35 1.34 36.69 -16.21
C LEU D 35 -0.20 36.65 -16.11
N THR D 36 -0.84 37.80 -16.18
CA THR D 36 -2.29 37.88 -16.06
C THR D 36 -3.02 37.20 -17.22
N SER D 37 -2.31 36.99 -18.34
CA SER D 37 -2.86 36.36 -19.53
C SER D 37 -2.79 34.83 -19.48
N VAL D 38 -2.07 34.29 -18.50
CA VAL D 38 -1.79 32.86 -18.48
C VAL D 38 -2.85 32.07 -17.66
N ARG D 39 -3.45 31.09 -18.31
CA ARG D 39 -4.42 30.21 -17.69
C ARG D 39 -3.86 28.81 -17.68
N VAL D 40 -4.03 28.11 -16.54
CA VAL D 40 -3.61 26.74 -16.42
C VAL D 40 -4.75 25.90 -15.87
N ILE D 41 -4.94 24.75 -16.50
CA ILE D 41 -5.95 23.75 -16.14
C ILE D 41 -5.23 22.51 -15.76
N ILE D 42 -5.46 22.03 -14.53
CA ILE D 42 -4.96 20.75 -14.11
CA ILE D 42 -4.96 20.74 -14.10
C ILE D 42 -6.06 19.70 -14.26
N THR D 43 -5.74 18.62 -14.96
CA THR D 43 -6.66 17.52 -15.17
C THR D 43 -6.11 16.26 -14.55
N GLU D 44 -6.73 15.79 -13.48
CA GLU D 44 -6.26 14.57 -12.84
C GLU D 44 -6.87 13.35 -13.49
N MET D 45 -6.02 12.35 -13.69
CA MET D 45 -6.40 11.08 -14.30
C MET D 45 -6.47 10.01 -13.24
N ALA D 46 -7.59 9.31 -13.20
CA ALA D 46 -7.67 8.11 -12.39
C ALA D 46 -6.63 7.09 -12.84
N LYS D 47 -6.10 6.31 -11.89
CA LYS D 47 -5.03 5.37 -12.21
C LYS D 47 -5.49 4.32 -13.25
N GLY D 48 -6.79 4.01 -13.25
CA GLY D 48 -7.35 3.07 -14.21
C GLY D 48 -7.64 3.65 -15.58
N HIS D 49 -7.31 4.93 -15.76
CA HIS D 49 -7.67 5.64 -16.98
C HIS D 49 -6.46 6.09 -17.76
N PHE D 50 -5.28 5.70 -17.33
CA PHE D 50 -4.05 6.11 -18.01
C PHE D 50 -3.22 4.87 -18.34
N GLY D 51 -2.95 4.71 -19.64
CA GLY D 51 -2.15 3.60 -20.11
C GLY D 51 -0.82 4.04 -20.72
N ILE D 52 0.21 3.22 -20.46
CA ILE D 52 1.48 3.29 -21.19
C ILE D 52 1.77 1.91 -21.73
N GLY D 53 2.02 1.83 -23.05
CA GLY D 53 2.28 0.54 -23.67
C GLY D 53 1.13 -0.44 -23.55
N GLY D 54 -0.10 0.09 -23.46
CA GLY D 54 -1.31 -0.72 -23.40
C GLY D 54 -1.65 -1.26 -22.03
N GLU D 55 -0.82 -0.94 -21.04
CA GLU D 55 -0.99 -1.40 -19.66
C GLU D 55 -1.31 -0.21 -18.76
N LEU D 56 -2.08 -0.42 -17.68
CA LEU D 56 -2.38 0.68 -16.75
C LEU D 56 -1.08 1.17 -16.12
N ALA D 57 -0.83 2.48 -16.21
CA ALA D 57 0.48 3.02 -15.80
C ALA D 57 0.66 2.85 -14.29
N SER D 58 -0.45 2.65 -13.59
CA SER D 58 -0.43 2.30 -12.17
C SER D 58 0.09 0.86 -11.97
N LYS D 59 -0.63 -0.12 -12.54
CA LYS D 59 -0.15 -1.50 -12.56
C LYS D 59 1.35 -1.54 -12.80
N VAL D 60 1.80 -0.80 -13.81
CA VAL D 60 3.21 -0.80 -14.18
C VAL D 60 4.00 0.22 -13.34
N PRO E 1 3.33 13.23 -16.38
CA PRO E 1 2.61 14.47 -16.68
C PRO E 1 2.73 14.83 -18.16
N ILE E 2 1.59 15.18 -18.75
CA ILE E 2 1.50 15.64 -20.11
C ILE E 2 0.88 17.02 -20.14
N ALA E 3 1.66 18.00 -20.60
CA ALA E 3 1.16 19.36 -20.71
C ALA E 3 0.92 19.69 -22.17
N GLN E 4 -0.20 20.34 -22.45
CA GLN E 4 -0.47 20.93 -23.74
C GLN E 4 -0.63 22.41 -23.56
N ILE E 5 0.11 23.22 -24.33
CA ILE E 5 0.09 24.64 -24.22
C ILE E 5 -0.35 25.27 -25.52
N HIS E 6 -1.50 25.92 -25.50
CA HIS E 6 -1.99 26.70 -26.62
C HIS E 6 -1.40 28.09 -26.54
N ILE E 7 -0.72 28.49 -27.63
CA ILE E 7 -0.07 29.78 -27.70
C ILE E 7 -0.41 30.39 -29.05
N LEU E 8 -0.33 31.71 -29.15
CA LEU E 8 -0.46 32.35 -30.47
C LEU E 8 0.74 32.07 -31.37
N GLU E 9 0.46 31.91 -32.67
CA GLU E 9 1.49 31.79 -33.69
C GLU E 9 2.44 33.00 -33.67
N GLY E 10 3.67 32.76 -34.14
CA GLY E 10 4.62 33.84 -34.40
C GLY E 10 5.99 33.69 -33.76
N ARG E 11 6.12 32.78 -32.80
CA ARG E 11 7.38 32.69 -32.09
CA ARG E 11 7.37 32.62 -32.04
C ARG E 11 8.39 31.81 -32.84
N SER E 12 9.67 32.08 -32.60
CA SER E 12 10.72 31.30 -33.20
C SER E 12 10.77 29.88 -32.62
N ASP E 13 11.41 28.98 -33.34
CA ASP E 13 11.67 27.64 -32.84
C ASP E 13 12.44 27.67 -31.54
N GLU E 14 13.43 28.53 -31.44
CA GLU E 14 14.26 28.60 -30.25
C GLU E 14 13.40 29.01 -29.03
N GLN E 15 12.49 29.96 -29.23
CA GLN E 15 11.58 30.44 -28.20
CA GLN E 15 11.65 30.40 -28.10
C GLN E 15 10.69 29.29 -27.67
N LYS E 16 10.23 28.49 -28.61
CA LYS E 16 9.34 27.38 -28.25
C LYS E 16 10.12 26.26 -27.58
N GLU E 17 11.39 26.07 -27.98
CA GLU E 17 12.26 25.12 -27.29
C GLU E 17 12.44 25.55 -25.83
N THR E 18 12.66 26.83 -25.62
CA THR E 18 12.82 27.37 -24.26
C THR E 18 11.54 27.15 -23.44
N LEU E 19 10.39 27.40 -24.05
CA LEU E 19 9.10 27.14 -23.40
C LEU E 19 9.00 25.70 -22.94
N ILE E 20 9.32 24.78 -23.82
CA ILE E 20 9.33 23.36 -23.47
C ILE E 20 10.28 23.07 -22.32
N ARG E 21 11.50 23.58 -22.36
CA ARG E 21 12.45 23.33 -21.30
CA ARG E 21 12.49 23.33 -21.31
C ARG E 21 11.96 23.84 -19.95
N GLU E 22 11.49 25.07 -19.94
CA GLU E 22 11.11 25.79 -18.72
C GLU E 22 9.84 25.22 -18.11
N VAL E 23 8.86 24.92 -18.93
CA VAL E 23 7.64 24.29 -18.42
C VAL E 23 7.92 22.91 -17.89
N SER E 24 8.78 22.16 -18.59
CA SER E 24 9.12 20.82 -18.10
C SER E 24 9.79 20.85 -16.72
N GLU E 25 10.75 21.77 -16.55
CA GLU E 25 11.44 21.96 -15.28
C GLU E 25 10.43 22.29 -14.19
N ALA E 26 9.49 23.18 -14.48
CA ALA E 26 8.54 23.64 -13.48
C ALA E 26 7.64 22.49 -13.03
N ILE E 27 7.28 21.64 -13.96
CA ILE E 27 6.43 20.47 -13.66
C ILE E 27 7.22 19.48 -12.80
N SER E 28 8.44 19.19 -13.21
CA SER E 28 9.28 18.28 -12.47
C SER E 28 9.48 18.77 -11.03
N ARG E 29 9.86 20.03 -10.88
CA ARG E 29 10.14 20.61 -9.57
C ARG E 29 8.87 20.63 -8.70
N SER E 30 7.76 21.07 -9.27
CA SER E 30 6.48 21.22 -8.53
C SER E 30 5.95 19.89 -7.99
N LEU E 31 6.14 18.83 -8.78
CA LEU E 31 5.57 17.53 -8.48
C LEU E 31 6.59 16.55 -7.87
N ASP E 32 7.84 16.95 -7.76
CA ASP E 32 8.90 16.01 -7.45
C ASP E 32 8.79 14.77 -8.35
N ALA E 33 8.64 15.02 -9.64
CA ALA E 33 8.50 13.97 -10.64
C ALA E 33 9.73 13.98 -11.53
N PRO E 34 10.16 12.79 -12.02
CA PRO E 34 11.36 12.75 -12.84
C PRO E 34 11.16 13.56 -14.11
N LEU E 35 12.15 14.35 -14.47
CA LEU E 35 12.03 15.21 -15.64
C LEU E 35 11.79 14.37 -16.90
N THR E 36 12.40 13.19 -16.94
CA THR E 36 12.21 12.29 -18.10
C THR E 36 10.75 11.82 -18.29
N SER E 37 9.90 11.98 -17.27
CA SER E 37 8.52 11.56 -17.39
C SER E 37 7.62 12.62 -18.03
N VAL E 38 8.17 13.83 -18.20
CA VAL E 38 7.38 15.00 -18.55
C VAL E 38 7.30 15.17 -20.05
N ARG E 39 6.10 15.24 -20.58
CA ARG E 39 5.84 15.49 -22.00
C ARG E 39 5.14 16.81 -22.18
N VAL E 40 5.55 17.57 -23.20
CA VAL E 40 4.96 18.86 -23.51
C VAL E 40 4.60 18.93 -24.99
N ILE E 41 3.36 19.32 -25.26
CA ILE E 41 2.83 19.58 -26.58
C ILE E 41 2.57 21.05 -26.70
N ILE E 42 3.20 21.71 -27.69
CA ILE E 42 2.89 23.07 -28.01
CA ILE E 42 2.87 23.08 -28.02
C ILE E 42 1.91 23.09 -29.18
N THR E 43 0.82 23.84 -29.02
CA THR E 43 -0.18 23.99 -30.06
C THR E 43 -0.29 25.46 -30.41
N GLU E 44 0.06 25.79 -31.65
CA GLU E 44 -0.01 27.16 -32.08
C GLU E 44 -1.37 27.45 -32.64
N MET E 45 -1.92 28.60 -32.24
CA MET E 45 -3.20 29.08 -32.69
C MET E 45 -2.99 30.18 -33.71
N ALA E 46 -3.70 30.04 -34.82
CA ALA E 46 -3.80 31.13 -35.78
C ALA E 46 -4.50 32.32 -35.11
N LYS E 47 -4.10 33.55 -35.49
CA LYS E 47 -4.61 34.71 -34.79
C LYS E 47 -6.14 34.87 -34.96
N GLY E 48 -6.68 34.42 -36.09
CA GLY E 48 -8.13 34.47 -36.30
C GLY E 48 -8.88 33.29 -35.69
N HIS E 49 -8.17 32.47 -34.91
CA HIS E 49 -8.76 31.31 -34.24
C HIS E 49 -8.87 31.40 -32.72
N PHE E 50 -8.54 32.53 -32.15
CA PHE E 50 -8.59 32.71 -30.71
C PHE E 50 -9.39 33.93 -30.35
N GLY E 51 -10.44 33.72 -29.57
CA GLY E 51 -11.35 34.77 -29.14
C GLY E 51 -11.31 35.01 -27.64
N ILE E 52 -11.40 36.27 -27.27
CA ILE E 52 -11.68 36.68 -25.88
C ILE E 52 -12.87 37.64 -25.93
N GLY E 53 -13.91 37.34 -25.14
CA GLY E 53 -15.06 38.22 -25.11
C GLY E 53 -15.79 38.26 -26.44
N GLY E 54 -15.62 37.20 -27.23
CA GLY E 54 -16.28 37.06 -28.51
C GLY E 54 -15.63 37.82 -29.64
N GLU E 55 -14.46 38.40 -29.36
CA GLU E 55 -13.69 39.16 -30.33
C GLU E 55 -12.38 38.45 -30.56
N LEU E 56 -11.81 38.65 -31.74
CA LEU E 56 -10.51 38.05 -32.03
C LEU E 56 -9.47 38.72 -31.14
N ALA E 57 -8.62 37.96 -30.48
CA ALA E 57 -7.57 38.57 -29.68
C ALA E 57 -6.56 39.32 -30.58
N SER E 58 -6.57 39.02 -31.89
CA SER E 58 -5.80 39.79 -32.91
C SER E 58 -6.47 41.12 -33.39
N PRO F 1 -18.92 19.23 -36.04
CA PRO F 1 -18.21 20.06 -35.05
C PRO F 1 -18.30 19.49 -33.65
N ILE F 2 -17.20 19.56 -32.93
CA ILE F 2 -17.11 19.05 -31.57
C ILE F 2 -16.56 20.15 -30.69
N ALA F 3 -17.33 20.55 -29.67
CA ALA F 3 -16.90 21.59 -28.75
C ALA F 3 -16.68 20.97 -27.37
N GLN F 4 -15.63 21.42 -26.72
CA GLN F 4 -15.36 21.10 -25.33
C GLN F 4 -15.25 22.39 -24.56
N ILE F 5 -16.01 22.49 -23.48
CA ILE F 5 -16.10 23.69 -22.70
C ILE F 5 -15.67 23.43 -21.27
N HIS F 6 -14.52 23.98 -20.89
CA HIS F 6 -14.06 23.94 -19.51
C HIS F 6 -14.69 25.07 -18.72
N ILE F 7 -15.39 24.67 -17.63
CA ILE F 7 -16.05 25.62 -16.76
C ILE F 7 -15.74 25.25 -15.32
N LEU F 8 -15.76 26.22 -14.42
CA LEU F 8 -15.59 25.88 -13.01
C LEU F 8 -16.79 25.07 -12.49
N GLU F 9 -16.48 24.09 -11.64
CA GLU F 9 -17.51 23.34 -10.93
CA GLU F 9 -17.51 23.33 -10.90
C GLU F 9 -18.49 24.27 -10.21
N GLY F 10 -19.68 23.73 -9.93
CA GLY F 10 -20.63 24.39 -9.04
C GLY F 10 -22.01 24.70 -9.59
N ARG F 11 -22.17 24.60 -10.90
CA ARG F 11 -23.43 24.92 -11.51
C ARG F 11 -24.44 23.77 -11.49
N SER F 12 -25.70 24.13 -11.54
CA SER F 12 -26.77 23.12 -11.58
C SER F 12 -26.80 22.33 -12.88
N ASP F 13 -27.39 21.15 -12.83
CA ASP F 13 -27.65 20.35 -14.03
C ASP F 13 -28.41 21.17 -15.07
N GLU F 14 -29.40 21.92 -14.63
CA GLU F 14 -30.29 22.64 -15.51
CA GLU F 14 -30.28 22.65 -15.54
C GLU F 14 -29.50 23.72 -16.29
N GLN F 15 -28.60 24.39 -15.61
CA GLN F 15 -27.84 25.42 -16.23
C GLN F 15 -26.89 24.85 -17.28
N LYS F 16 -26.29 23.71 -16.97
CA LYS F 16 -25.42 23.03 -17.90
C LYS F 16 -26.18 22.47 -19.10
N GLU F 17 -27.43 22.07 -18.91
CA GLU F 17 -28.26 21.64 -20.02
C GLU F 17 -28.54 22.80 -21.00
N THR F 18 -28.81 23.96 -20.42
CA THR F 18 -29.02 25.17 -21.23
C THR F 18 -27.75 25.53 -22.01
N LEU F 19 -26.62 25.49 -21.34
CA LEU F 19 -25.30 25.74 -21.97
C LEU F 19 -25.11 24.83 -23.17
N ILE F 20 -25.37 23.53 -22.99
CA ILE F 20 -25.19 22.57 -24.10
C ILE F 20 -26.10 22.94 -25.27
N ARG F 21 -27.36 23.22 -24.97
CA ARG F 21 -28.32 23.55 -26.04
C ARG F 21 -27.95 24.83 -26.78
N GLU F 22 -27.70 25.89 -26.03
CA GLU F 22 -27.45 27.18 -26.62
C GLU F 22 -26.15 27.15 -27.44
N VAL F 23 -25.11 26.55 -26.89
CA VAL F 23 -23.86 26.46 -27.63
C VAL F 23 -24.05 25.62 -28.88
N SER F 24 -24.79 24.53 -28.80
CA SER F 24 -24.98 23.69 -29.96
C SER F 24 -25.70 24.46 -31.07
N GLU F 25 -26.75 25.18 -30.71
CA GLU F 25 -27.51 25.95 -31.69
C GLU F 25 -26.61 27.04 -32.31
N ALA F 26 -25.79 27.69 -31.50
CA ALA F 26 -24.87 28.73 -32.00
C ALA F 26 -23.89 28.16 -33.02
N ILE F 27 -23.39 26.96 -32.75
CA ILE F 27 -22.47 26.28 -33.67
C ILE F 27 -23.18 25.95 -34.97
N SER F 28 -24.38 25.37 -34.86
CA SER F 28 -25.14 24.98 -36.04
C SER F 28 -25.43 26.19 -36.95
N ARG F 29 -25.86 27.30 -36.36
CA ARG F 29 -26.21 28.52 -37.13
C ARG F 29 -24.97 29.09 -37.81
N SER F 30 -23.88 29.12 -37.06
CA SER F 30 -22.67 29.80 -37.49
C SER F 30 -21.97 29.06 -38.64
N LEU F 31 -22.13 27.74 -38.66
CA LEU F 31 -21.42 26.89 -39.62
C LEU F 31 -22.32 26.32 -40.71
N ASP F 32 -23.62 26.63 -40.62
CA ASP F 32 -24.62 25.95 -41.42
C ASP F 32 -24.41 24.44 -41.36
N ALA F 33 -24.22 23.95 -40.13
CA ALA F 33 -24.00 22.53 -39.87
C ALA F 33 -25.27 21.98 -39.27
N PRO F 34 -25.72 20.81 -39.75
CA PRO F 34 -26.89 20.19 -39.11
C PRO F 34 -26.69 20.04 -37.63
N LEU F 35 -27.68 20.46 -36.88
CA LEU F 35 -27.65 20.38 -35.45
C LEU F 35 -27.33 18.95 -34.94
N THR F 36 -27.81 17.93 -35.66
CA THR F 36 -27.57 16.52 -35.32
C THR F 36 -26.08 16.13 -35.36
N SER F 37 -25.28 16.93 -36.06
CA SER F 37 -23.86 16.67 -36.19
C SER F 37 -23.03 17.35 -35.09
N VAL F 38 -23.67 18.15 -34.25
CA VAL F 38 -22.96 18.92 -33.25
C VAL F 38 -22.87 18.21 -31.90
N ARG F 39 -21.64 18.01 -31.45
CA ARG F 39 -21.34 17.42 -30.16
C ARG F 39 -20.75 18.44 -29.23
N VAL F 40 -21.19 18.43 -27.96
CA VAL F 40 -20.67 19.33 -26.94
C VAL F 40 -20.33 18.53 -25.70
N ILE F 41 -19.12 18.78 -25.20
CA ILE F 41 -18.59 18.16 -23.99
C ILE F 41 -18.40 19.26 -22.97
N ILE F 42 -19.01 19.11 -21.77
CA ILE F 42 -18.78 20.03 -20.69
CA ILE F 42 -18.77 20.03 -20.67
C ILE F 42 -17.79 19.38 -19.73
N THR F 43 -16.72 20.09 -19.42
CA THR F 43 -15.70 19.60 -18.52
C THR F 43 -15.59 20.52 -17.32
N GLU F 44 -16.05 20.06 -16.16
CA GLU F 44 -15.98 20.87 -14.96
C GLU F 44 -14.60 20.77 -14.33
N MET F 45 -14.10 21.93 -13.93
CA MET F 45 -12.79 22.05 -13.26
C MET F 45 -13.01 22.26 -11.76
N ALA F 46 -12.32 21.48 -10.97
CA ALA F 46 -12.28 21.72 -9.56
C ALA F 46 -11.64 23.09 -9.28
N LYS F 47 -12.07 23.75 -8.21
CA LYS F 47 -11.63 25.13 -7.97
C LYS F 47 -10.09 25.20 -7.72
N GLY F 48 -9.54 24.12 -7.20
CA GLY F 48 -8.11 24.05 -6.99
C GLY F 48 -7.31 23.62 -8.20
N HIS F 49 -7.98 23.47 -9.33
CA HIS F 49 -7.36 22.97 -10.56
C HIS F 49 -7.36 24.00 -11.69
N PHE F 50 -7.75 25.23 -11.42
CA PHE F 50 -7.78 26.26 -12.45
C PHE F 50 -7.08 27.51 -11.96
N GLY F 51 -6.06 27.94 -12.69
CA GLY F 51 -5.31 29.14 -12.38
C GLY F 51 -5.42 30.23 -13.43
N ILE F 52 -5.45 31.47 -12.96
CA ILE F 52 -5.33 32.65 -13.76
C ILE F 52 -4.19 33.48 -13.17
N GLY F 53 -3.19 33.78 -13.97
CA GLY F 53 -2.07 34.56 -13.47
C GLY F 53 -1.30 33.83 -12.38
N GLY F 54 -1.37 32.50 -12.39
CA GLY F 54 -0.63 31.68 -11.43
C GLY F 54 -1.33 31.48 -10.09
N GLU F 55 -2.51 32.09 -9.95
CA GLU F 55 -3.27 31.92 -8.75
CA GLU F 55 -3.34 32.04 -8.74
C GLU F 55 -4.60 31.23 -9.00
N LEU F 56 -5.09 30.53 -7.98
CA LEU F 56 -6.31 29.77 -8.15
C LEU F 56 -7.44 30.74 -8.43
N ALA F 57 -8.16 30.56 -9.52
CA ALA F 57 -9.12 31.58 -9.97
C ALA F 57 -10.25 31.58 -8.97
N SER F 58 -10.32 30.48 -8.22
CA SER F 58 -11.18 30.38 -7.06
C SER F 58 -10.73 31.31 -5.93
N LYS F 59 -9.45 31.25 -5.54
CA LYS F 59 -8.96 32.10 -4.45
C LYS F 59 -9.34 33.58 -4.64
N PRO G 1 -18.16 7.71 -28.50
CA PRO G 1 -16.75 7.88 -28.13
C PRO G 1 -16.02 8.77 -29.13
N ILE G 2 -15.27 9.69 -28.59
CA ILE G 2 -14.45 10.62 -29.39
C ILE G 2 -13.00 10.47 -28.98
N ALA G 3 -12.15 10.07 -29.94
CA ALA G 3 -10.72 9.91 -29.68
C ALA G 3 -9.96 11.01 -30.41
N GLN G 4 -8.98 11.56 -29.73
CA GLN G 4 -8.04 12.47 -30.36
C GLN G 4 -6.66 11.90 -30.17
N ILE G 5 -5.90 11.82 -31.28
CA ILE G 5 -4.59 11.19 -31.25
C ILE G 5 -3.55 12.17 -31.75
N HIS G 6 -2.66 12.57 -30.86
CA HIS G 6 -1.49 13.40 -31.20
C HIS G 6 -0.40 12.50 -31.69
N ILE G 7 0.07 12.79 -32.91
CA ILE G 7 1.11 12.01 -33.57
C ILE G 7 2.11 13.00 -34.16
N LEU G 8 3.34 12.53 -34.35
CA LEU G 8 4.33 13.34 -35.06
C LEU G 8 4.03 13.45 -36.56
N GLU G 9 4.29 14.64 -37.10
CA GLU G 9 4.16 14.90 -38.53
CA GLU G 9 4.17 14.91 -38.54
C GLU G 9 5.05 13.96 -39.34
N GLY G 10 4.69 13.77 -40.59
CA GLY G 10 5.57 13.09 -41.56
C GLY G 10 4.97 11.89 -42.26
N ARG G 11 3.83 11.37 -41.76
CA ARG G 11 3.21 10.20 -42.35
C ARG G 11 2.28 10.54 -43.52
N SER G 12 2.10 9.55 -44.40
CA SER G 12 1.18 9.66 -45.53
C SER G 12 -0.28 9.70 -45.08
N ASP G 13 -1.12 10.30 -45.92
CA ASP G 13 -2.56 10.25 -45.73
C ASP G 13 -3.03 8.81 -45.58
N GLU G 14 -2.51 7.90 -46.39
CA GLU G 14 -2.96 6.53 -46.37
CA GLU G 14 -2.97 6.52 -46.35
C GLU G 14 -2.69 5.90 -44.99
N GLN G 15 -1.53 6.18 -44.42
CA GLN G 15 -1.20 5.60 -43.13
C GLN G 15 -2.07 6.20 -42.03
N LYS G 16 -2.42 7.47 -42.17
CA LYS G 16 -3.33 8.11 -41.18
C LYS G 16 -4.77 7.61 -41.32
N GLU G 17 -5.17 7.26 -42.55
CA GLU G 17 -6.48 6.64 -42.74
C GLU G 17 -6.53 5.24 -42.09
N THR G 18 -5.44 4.48 -42.21
CA THR G 18 -5.34 3.19 -41.51
C THR G 18 -5.48 3.36 -40.00
N LEU G 19 -4.79 4.38 -39.48
CA LEU G 19 -4.82 4.65 -38.04
C LEU G 19 -6.27 4.90 -37.61
N ILE G 20 -6.96 5.76 -38.33
CA ILE G 20 -8.37 6.04 -38.06
C ILE G 20 -9.22 4.76 -38.08
N ARG G 21 -9.04 3.93 -39.10
CA ARG G 21 -9.85 2.75 -39.24
CA ARG G 21 -9.83 2.72 -39.27
C ARG G 21 -9.59 1.75 -38.11
N GLU G 22 -8.32 1.54 -37.78
CA GLU G 22 -7.94 0.53 -36.80
C GLU G 22 -8.30 0.99 -35.39
N VAL G 23 -8.09 2.26 -35.09
CA VAL G 23 -8.49 2.77 -33.78
C VAL G 23 -10.00 2.73 -33.63
N SER G 24 -10.72 3.08 -34.67
CA SER G 24 -12.19 3.05 -34.59
C SER G 24 -12.71 1.65 -34.32
N GLU G 25 -12.17 0.67 -35.03
CA GLU G 25 -12.52 -0.73 -34.81
C GLU G 25 -12.23 -1.13 -33.38
N ALA G 26 -11.09 -0.74 -32.85
CA ALA G 26 -10.69 -1.12 -31.47
C ALA G 26 -11.64 -0.54 -30.44
N ILE G 27 -12.05 0.70 -30.65
CA ILE G 27 -12.97 1.36 -29.73
C ILE G 27 -14.35 0.70 -29.80
N SER G 28 -14.86 0.48 -31.01
CA SER G 28 -16.17 -0.13 -31.22
C SER G 28 -16.22 -1.52 -30.58
N ARG G 29 -15.20 -2.33 -30.81
CA ARG G 29 -15.13 -3.69 -30.28
C ARG G 29 -14.99 -3.73 -28.76
N SER G 30 -14.11 -2.89 -28.23
CA SER G 30 -13.79 -2.85 -26.81
C SER G 30 -15.02 -2.46 -26.01
N LEU G 31 -15.79 -1.50 -26.53
CA LEU G 31 -16.92 -0.94 -25.82
C LEU G 31 -18.28 -1.52 -26.20
N ASP G 32 -18.28 -2.38 -27.22
CA ASP G 32 -19.54 -2.85 -27.83
C ASP G 32 -20.41 -1.66 -28.22
N ALA G 33 -19.75 -0.69 -28.83
CA ALA G 33 -20.37 0.54 -29.26
C ALA G 33 -20.51 0.54 -30.78
N PRO G 34 -21.59 1.12 -31.29
CA PRO G 34 -21.74 1.12 -32.73
C PRO G 34 -20.59 1.86 -33.41
N LEU G 35 -20.08 1.28 -34.49
CA LEU G 35 -18.93 1.87 -35.18
C LEU G 35 -19.22 3.30 -35.64
N THR G 36 -20.46 3.57 -36.05
CA THR G 36 -20.83 4.88 -36.53
C THR G 36 -20.90 5.94 -35.41
N SER G 37 -20.90 5.53 -34.14
CA SER G 37 -20.83 6.47 -33.02
C SER G 37 -19.39 6.90 -32.71
N VAL G 38 -18.42 6.32 -33.41
CA VAL G 38 -17.00 6.56 -33.09
C VAL G 38 -16.40 7.64 -33.94
N ARG G 39 -15.87 8.67 -33.30
CA ARG G 39 -15.20 9.78 -34.00
C ARG G 39 -13.77 9.80 -33.61
N VAL G 40 -12.88 9.99 -34.61
CA VAL G 40 -11.45 10.06 -34.37
C VAL G 40 -10.86 11.32 -35.01
N ILE G 41 -10.09 12.04 -34.22
CA ILE G 41 -9.42 13.27 -34.64
C ILE G 41 -7.93 12.99 -34.59
N ILE G 42 -7.24 13.11 -35.73
CA ILE G 42 -5.78 13.04 -35.76
CA ILE G 42 -5.78 13.05 -35.77
C ILE G 42 -5.21 14.47 -35.70
N THR G 43 -4.29 14.66 -34.75
CA THR G 43 -3.62 15.93 -34.54
C THR G 43 -2.14 15.73 -34.77
N GLU G 44 -1.62 16.32 -35.85
CA GLU G 44 -0.20 16.17 -36.14
C GLU G 44 0.55 17.26 -35.41
N MET G 45 1.64 16.86 -34.76
CA MET G 45 2.55 17.77 -34.09
C MET G 45 3.76 18.00 -34.96
N ALA G 46 4.14 19.26 -35.07
CA ALA G 46 5.43 19.63 -35.66
C ALA G 46 6.55 19.13 -34.75
N LYS G 47 7.71 18.80 -35.33
CA LYS G 47 8.79 18.20 -34.55
C LYS G 47 9.33 19.15 -33.47
N GLY G 48 9.26 20.44 -33.74
CA GLY G 48 9.68 21.47 -32.79
C GLY G 48 8.67 21.75 -31.68
N HIS G 49 7.56 21.03 -31.70
CA HIS G 49 6.44 21.32 -30.79
C HIS G 49 6.20 20.20 -29.79
N PHE G 50 7.05 19.19 -29.76
CA PHE G 50 6.84 18.06 -28.86
C PHE G 50 8.08 17.78 -28.07
N GLY G 51 7.94 17.83 -26.75
CA GLY G 51 9.05 17.62 -25.85
C GLY G 51 8.87 16.42 -24.94
N ILE G 52 9.97 15.73 -24.72
CA ILE G 52 10.11 14.72 -23.69
C ILE G 52 11.31 15.05 -22.82
N GLY G 53 11.10 15.12 -21.51
CA GLY G 53 12.16 15.42 -20.57
C GLY G 53 12.79 16.79 -20.81
N GLY G 54 12.00 17.73 -21.34
CA GLY G 54 12.43 19.09 -21.51
C GLY G 54 13.19 19.36 -22.78
N GLU G 55 13.37 18.34 -23.61
CA GLU G 55 14.10 18.38 -24.90
CA GLU G 55 14.04 18.51 -24.89
C GLU G 55 13.17 18.00 -26.04
N LEU G 56 13.43 18.51 -27.24
CA LEU G 56 12.63 18.05 -28.37
C LEU G 56 12.78 16.54 -28.51
N ALA G 57 11.66 15.85 -28.67
CA ALA G 57 11.69 14.40 -28.91
C ALA G 57 12.45 14.02 -30.18
N SER G 58 12.42 14.89 -31.19
CA SER G 58 13.21 14.69 -32.41
C SER G 58 14.71 14.74 -32.11
N LYS G 59 15.08 15.48 -31.08
CA LYS G 59 16.49 15.62 -30.68
C LYS G 59 16.88 14.60 -29.62
N VAL G 60 15.92 13.80 -29.15
CA VAL G 60 16.18 12.78 -28.15
C VAL G 60 15.31 11.55 -28.39
N PRO H 1 3.04 8.50 -29.67
CA PRO H 1 1.61 8.91 -29.85
C PRO H 1 0.84 8.96 -28.54
N ILE H 2 0.00 9.97 -28.43
CA ILE H 2 -0.79 10.18 -27.21
C ILE H 2 -2.24 10.28 -27.65
N ALA H 3 -3.07 9.35 -27.18
CA ALA H 3 -4.49 9.34 -27.49
C ALA H 3 -5.28 9.73 -26.24
N GLN H 4 -6.32 10.51 -26.46
CA GLN H 4 -7.29 10.80 -25.39
C GLN H 4 -8.64 10.38 -25.93
N ILE H 5 -9.37 9.59 -25.15
CA ILE H 5 -10.67 9.09 -25.55
C ILE H 5 -11.74 9.54 -24.55
N HIS H 6 -12.67 10.35 -25.04
CA HIS H 6 -13.84 10.76 -24.28
C HIS H 6 -14.91 9.72 -24.48
N ILE H 7 -15.36 9.13 -23.35
CA ILE H 7 -16.40 8.11 -23.35
C ILE H 7 -17.44 8.52 -22.29
N LEU H 8 -18.67 8.03 -22.44
CA LEU H 8 -19.65 8.22 -21.39
C LEU H 8 -19.32 7.37 -20.17
N GLU H 9 -19.57 7.94 -19.00
CA GLU H 9 -19.48 7.21 -17.72
C GLU H 9 -20.35 5.94 -17.73
N GLY H 10 -19.95 4.97 -16.91
CA GLY H 10 -20.80 3.83 -16.59
C GLY H 10 -20.18 2.47 -16.85
N ARG H 11 -19.05 2.43 -17.56
CA ARG H 11 -18.40 1.18 -17.86
C ARG H 11 -17.53 0.68 -16.71
N SER H 12 -17.33 -0.63 -16.70
CA SER H 12 -16.48 -1.26 -15.71
C SER H 12 -15.02 -0.96 -15.93
N ASP H 13 -14.22 -1.11 -14.88
CA ASP H 13 -12.77 -0.96 -14.99
C ASP H 13 -12.21 -1.95 -16.00
N GLU H 14 -12.73 -3.16 -16.00
CA GLU H 14 -12.24 -4.22 -16.89
C GLU H 14 -12.44 -3.81 -18.36
N GLN H 15 -13.58 -3.22 -18.68
CA GLN H 15 -13.86 -2.84 -20.04
C GLN H 15 -12.96 -1.67 -20.46
N LYS H 16 -12.67 -0.77 -19.55
CA LYS H 16 -11.78 0.35 -19.85
C LYS H 16 -10.33 -0.13 -20.01
N GLU H 17 -9.92 -1.12 -19.24
CA GLU H 17 -8.58 -1.75 -19.44
C GLU H 17 -8.47 -2.35 -20.84
N THR H 18 -9.52 -3.01 -21.27
CA THR H 18 -9.59 -3.57 -22.62
C THR H 18 -9.46 -2.47 -23.66
N LEU H 19 -10.16 -1.38 -23.45
CA LEU H 19 -10.14 -0.24 -24.39
C LEU H 19 -8.71 0.28 -24.52
N ILE H 20 -8.06 0.50 -23.39
CA ILE H 20 -6.68 0.98 -23.38
C ILE H 20 -5.76 0.03 -24.15
N ARG H 21 -5.87 -1.27 -23.88
CA ARG H 21 -5.02 -2.27 -24.49
CA ARG H 21 -4.98 -2.23 -24.51
C ARG H 21 -5.25 -2.31 -26.01
N GLU H 22 -6.51 -2.48 -26.41
CA GLU H 22 -6.83 -2.68 -27.81
C GLU H 22 -6.52 -1.43 -28.63
N VAL H 23 -6.80 -0.26 -28.11
CA VAL H 23 -6.49 0.99 -28.82
C VAL H 23 -4.98 1.16 -28.92
N SER H 24 -4.24 0.85 -27.86
CA SER H 24 -2.80 1.03 -27.89
C SER H 24 -2.16 0.15 -28.95
N GLU H 25 -2.61 -1.10 -29.05
CA GLU H 25 -2.12 -2.03 -30.06
C GLU H 25 -2.48 -1.57 -31.45
N ALA H 26 -3.67 -1.00 -31.62
CA ALA H 26 -4.08 -0.47 -32.92
C ALA H 26 -3.17 0.67 -33.38
N ILE H 27 -2.82 1.55 -32.46
CA ILE H 27 -1.96 2.69 -32.74
C ILE H 27 -0.56 2.20 -33.11
N SER H 28 -0.04 1.28 -32.31
CA SER H 28 1.28 0.69 -32.54
C SER H 28 1.37 0.00 -33.90
N ARG H 29 0.37 -0.80 -34.25
CA ARG H 29 0.33 -1.60 -35.50
C ARG H 29 0.22 -0.63 -36.70
N SER H 30 -0.66 0.35 -36.57
CA SER H 30 -1.00 1.29 -37.64
C SER H 30 0.18 2.16 -38.04
N LEU H 31 0.94 2.56 -37.05
CA LEU H 31 1.99 3.55 -37.20
C LEU H 31 3.39 2.93 -37.20
N ASP H 32 3.48 1.63 -36.99
CA ASP H 32 4.75 0.97 -36.77
CA ASP H 32 4.75 0.96 -36.77
C ASP H 32 5.55 1.70 -35.70
N ALA H 33 4.87 1.99 -34.59
CA ALA H 33 5.43 2.70 -33.45
C ALA H 33 5.60 1.70 -32.31
N PRO H 34 6.69 1.81 -31.55
CA PRO H 34 6.88 0.90 -30.43
C PRO H 34 5.72 1.02 -29.45
N LEU H 35 5.22 -0.11 -29.00
CA LEU H 35 4.07 -0.11 -28.13
C LEU H 35 4.37 0.68 -26.87
N THR H 36 5.61 0.66 -26.40
CA THR H 36 5.95 1.41 -25.18
C THR H 36 5.90 2.94 -25.36
N SER H 37 5.85 3.41 -26.60
CA SER H 37 5.76 4.85 -26.86
C SER H 37 4.30 5.34 -26.84
N VAL H 38 3.35 4.44 -26.63
CA VAL H 38 1.92 4.77 -26.79
C VAL H 38 1.26 5.03 -25.45
N ARG H 39 0.72 6.23 -25.30
CA ARG H 39 -0.01 6.65 -24.10
C ARG H 39 -1.46 6.89 -24.44
N VAL H 40 -2.35 6.35 -23.60
CA VAL H 40 -3.76 6.49 -23.76
C VAL H 40 -4.39 7.04 -22.48
N ILE H 41 -5.20 8.08 -22.65
CA ILE H 41 -5.92 8.73 -21.53
C ILE H 41 -7.38 8.48 -21.82
N ILE H 42 -8.07 7.89 -20.84
CA ILE H 42 -9.52 7.75 -20.92
CA ILE H 42 -9.52 7.75 -20.89
C ILE H 42 -10.14 8.87 -20.09
N THR H 43 -11.07 9.60 -20.69
CA THR H 43 -11.76 10.68 -20.01
C THR H 43 -13.25 10.36 -20.00
N GLU H 44 -13.79 10.11 -18.81
CA GLU H 44 -15.19 9.79 -18.68
C GLU H 44 -16.01 11.06 -18.54
N MET H 45 -17.11 11.11 -19.27
CA MET H 45 -18.05 12.20 -19.27
C MET H 45 -19.29 11.81 -18.50
N ALA H 46 -19.67 12.66 -17.58
CA ALA H 46 -20.95 12.54 -16.93
C ALA H 46 -22.09 12.60 -17.94
N LYS H 47 -23.19 11.89 -17.69
CA LYS H 47 -24.26 11.83 -18.69
C LYS H 47 -24.91 13.21 -18.96
N GLY H 48 -24.90 14.07 -17.95
CA GLY H 48 -25.40 15.44 -18.11
C GLY H 48 -24.40 16.43 -18.69
N HIS H 49 -23.24 15.92 -19.10
CA HIS H 49 -22.18 16.76 -19.63
C HIS H 49 -21.87 16.49 -21.09
N PHE H 50 -22.66 15.68 -21.76
CA PHE H 50 -22.41 15.37 -23.18
C PHE H 50 -23.66 15.54 -24.00
N GLY H 51 -23.60 16.43 -24.99
CA GLY H 51 -24.70 16.74 -25.87
C GLY H 51 -24.46 16.25 -27.29
N ILE H 52 -25.53 15.73 -27.89
CA ILE H 52 -25.59 15.51 -29.34
C ILE H 52 -26.84 16.22 -29.86
N GLY H 53 -26.67 17.09 -30.85
CA GLY H 53 -27.77 17.84 -31.39
C GLY H 53 -28.41 18.76 -30.38
N GLY H 54 -27.67 19.09 -29.32
CA GLY H 54 -28.15 20.03 -28.30
C GLY H 54 -28.92 19.37 -27.19
N GLU H 55 -29.05 18.04 -27.26
CA GLU H 55 -29.71 17.30 -26.19
CA GLU H 55 -29.75 17.19 -26.27
C GLU H 55 -28.73 16.37 -25.48
N LEU H 56 -29.00 16.10 -24.21
CA LEU H 56 -28.12 15.24 -23.45
C LEU H 56 -28.12 13.84 -24.01
N ALA H 57 -26.93 13.28 -24.25
CA ALA H 57 -26.84 12.03 -25.03
C ALA H 57 -27.30 10.87 -24.16
N SER H 58 -27.49 11.15 -22.88
CA SER H 58 -28.18 10.25 -21.96
C SER H 58 -29.70 10.18 -22.19
N LYS H 59 -30.36 11.34 -22.26
CA LYS H 59 -31.69 11.41 -22.81
C LYS H 59 -31.67 11.02 -24.28
N PRO I 1 -14.80 30.57 -18.51
CA PRO I 1 -15.04 29.44 -19.41
C PRO I 1 -14.10 29.49 -20.62
N ILE I 2 -13.60 28.31 -21.00
CA ILE I 2 -12.73 28.15 -22.16
C ILE I 2 -13.30 27.07 -23.06
N ALA I 3 -13.68 27.44 -24.27
CA ALA I 3 -14.26 26.50 -25.24
C ALA I 3 -13.23 26.25 -26.34
N GLN I 4 -13.09 25.00 -26.70
CA GLN I 4 -12.34 24.62 -27.90
C GLN I 4 -13.28 23.92 -28.84
N ILE I 5 -13.29 24.38 -30.09
CA ILE I 5 -14.19 23.84 -31.08
C ILE I 5 -13.42 23.30 -32.26
N HIS I 6 -13.53 21.99 -32.45
CA HIS I 6 -12.94 21.29 -33.58
C HIS I 6 -13.93 21.36 -34.73
N ILE I 7 -13.50 21.91 -35.87
CA ILE I 7 -14.36 22.08 -37.03
C ILE I 7 -13.54 21.66 -38.23
N LEU I 8 -14.22 21.22 -39.28
CA LEU I 8 -13.55 20.95 -40.54
C LEU I 8 -13.03 22.23 -41.19
N GLU I 9 -11.83 22.13 -41.75
CA GLU I 9 -11.26 23.21 -42.57
C GLU I 9 -12.22 23.65 -43.67
N GLY I 10 -12.11 24.91 -44.06
CA GLY I 10 -12.81 25.43 -45.25
C GLY I 10 -13.53 26.76 -45.07
N ARG I 11 -13.82 27.12 -43.83
CA ARG I 11 -14.59 28.31 -43.58
CA ARG I 11 -14.58 28.33 -43.53
C ARG I 11 -13.72 29.57 -43.72
N SER I 12 -14.38 30.68 -44.03
CA SER I 12 -13.73 31.99 -44.08
C SER I 12 -13.38 32.53 -42.69
N ASP I 13 -12.44 33.44 -42.63
CA ASP I 13 -12.17 34.15 -41.38
C ASP I 13 -13.43 34.79 -40.82
N GLU I 14 -14.27 35.30 -41.68
CA GLU I 14 -15.47 36.01 -41.22
C GLU I 14 -16.42 35.01 -40.55
N GLN I 15 -16.56 33.86 -41.17
N GLN I 15 -16.56 33.84 -41.17
CA GLN I 15 -17.43 32.79 -40.65
CA GLN I 15 -17.44 32.81 -40.62
C GLN I 15 -16.91 32.29 -39.30
C GLN I 15 -16.91 32.30 -39.30
N LYS I 16 -15.60 32.16 -39.19
CA LYS I 16 -15.01 31.77 -37.92
C LYS I 16 -15.17 32.86 -36.85
N GLU I 17 -15.06 34.12 -37.23
CA GLU I 17 -15.28 35.20 -36.28
C GLU I 17 -16.73 35.17 -35.74
N THR I 18 -17.68 34.95 -36.63
CA THR I 18 -19.09 34.77 -36.26
C THR I 18 -19.25 33.60 -35.29
N LEU I 19 -18.63 32.48 -35.60
CA LEU I 19 -18.64 31.31 -34.69
C LEU I 19 -18.15 31.69 -33.29
N ILE I 20 -16.98 32.29 -33.20
CA ILE I 20 -16.42 32.79 -31.96
C ILE I 20 -17.39 33.69 -31.18
N ARG I 21 -18.00 34.63 -31.90
CA ARG I 21 -18.89 35.57 -31.25
CA ARG I 21 -18.91 35.59 -31.28
C ARG I 21 -20.15 34.87 -30.76
N GLU I 22 -20.76 34.05 -31.62
CA GLU I 22 -22.01 33.38 -31.31
C GLU I 22 -21.87 32.41 -30.14
N VAL I 23 -20.80 31.62 -30.16
CA VAL I 23 -20.55 30.69 -29.10
C VAL I 23 -20.26 31.44 -27.79
N SER I 24 -19.48 32.52 -27.86
CA SER I 24 -19.13 33.27 -26.66
C SER I 24 -20.37 33.87 -26.02
N GLU I 25 -21.24 34.43 -26.84
CA GLU I 25 -22.51 34.97 -26.37
C GLU I 25 -23.39 33.88 -25.77
N ALA I 26 -23.43 32.72 -26.39
CA ALA I 26 -24.23 31.60 -25.87
C ALA I 26 -23.74 31.18 -24.48
N ILE I 27 -22.43 31.11 -24.32
CA ILE I 27 -21.83 30.74 -23.04
C ILE I 27 -22.18 31.77 -21.98
N SER I 28 -21.96 33.05 -22.33
CA SER I 28 -22.25 34.16 -21.43
C SER I 28 -23.72 34.15 -20.95
N ARG I 29 -24.67 34.06 -21.90
CA ARG I 29 -26.12 34.04 -21.63
C ARG I 29 -26.43 32.87 -20.68
N SER I 30 -25.92 31.69 -21.02
CA SER I 30 -26.34 30.43 -20.43
C SER I 30 -25.88 30.37 -18.97
N LEU I 31 -24.69 30.91 -18.73
CA LEU I 31 -24.01 30.81 -17.46
C LEU I 31 -24.14 32.09 -16.64
N ASP I 32 -24.79 33.11 -17.21
CA ASP I 32 -24.81 34.44 -16.61
C ASP I 32 -23.40 34.85 -16.19
N ALA I 33 -22.47 34.69 -17.14
CA ALA I 33 -21.07 34.97 -16.91
C ALA I 33 -20.66 36.16 -17.77
N PRO I 34 -19.72 36.98 -17.29
CA PRO I 34 -19.29 38.09 -18.11
C PRO I 34 -18.76 37.62 -19.47
N LEU I 35 -19.17 38.30 -20.53
CA LEU I 35 -18.79 37.88 -21.86
C LEU I 35 -17.28 37.94 -21.98
N THR I 36 -16.66 38.89 -21.29
CA THR I 36 -15.21 39.07 -21.38
C THR I 36 -14.42 37.97 -20.67
N SER I 37 -15.10 37.13 -19.89
CA SER I 37 -14.42 35.99 -19.26
C SER I 37 -14.29 34.80 -20.21
N VAL I 38 -14.94 34.87 -21.37
CA VAL I 38 -15.07 33.71 -22.24
C VAL I 38 -13.99 33.68 -23.31
N ARG I 39 -13.23 32.58 -23.31
CA ARG I 39 -12.22 32.31 -24.33
C ARG I 39 -12.64 31.19 -25.23
N VAL I 40 -12.43 31.37 -26.54
CA VAL I 40 -12.74 30.37 -27.55
C VAL I 40 -11.50 30.10 -28.41
N ILE I 41 -11.21 28.83 -28.58
CA ILE I 41 -10.16 28.32 -29.47
C ILE I 41 -10.84 27.55 -30.58
N ILE I 42 -10.63 27.99 -31.82
CA ILE I 42 -11.07 27.22 -32.99
CA ILE I 42 -11.06 27.22 -33.00
C ILE I 42 -9.91 26.36 -33.43
N THR I 43 -10.17 25.07 -33.58
CA THR I 43 -9.18 24.13 -34.10
C THR I 43 -9.70 23.52 -35.39
N GLU I 44 -9.05 23.87 -36.50
CA GLU I 44 -9.49 23.36 -37.77
C GLU I 44 -8.84 22.00 -38.02
N MET I 45 -9.63 21.08 -38.53
CA MET I 45 -9.19 19.72 -38.86
C MET I 45 -9.10 19.57 -40.35
N ALA I 46 -7.96 19.07 -40.80
CA ALA I 46 -7.83 18.65 -42.18
C ALA I 46 -8.82 17.53 -42.45
N LYS I 47 -9.39 17.51 -43.66
CA LYS I 47 -10.39 16.50 -43.99
C LYS I 47 -9.86 15.07 -43.87
N GLY I 48 -8.57 14.89 -44.12
CA GLY I 48 -7.93 13.57 -43.96
C GLY I 48 -7.63 13.18 -42.52
N HIS I 49 -7.96 14.05 -41.58
CA HIS I 49 -7.65 13.83 -40.16
C HIS I 49 -8.88 13.62 -39.29
N PHE I 50 -10.07 13.54 -39.88
CA PHE I 50 -11.28 13.34 -39.06
C PHE I 50 -12.06 12.15 -39.57
N GLY I 51 -12.26 11.18 -38.68
CA GLY I 51 -13.00 9.97 -38.96
C GLY I 51 -14.34 9.92 -38.26
N ILE I 52 -15.33 9.38 -38.96
CA ILE I 52 -16.59 8.95 -38.39
C ILE I 52 -16.82 7.53 -38.84
N GLY I 53 -17.10 6.64 -37.91
CA GLY I 53 -17.34 5.25 -38.28
C GLY I 53 -16.11 4.60 -38.91
N GLY I 54 -14.93 5.15 -38.64
CA GLY I 54 -13.71 4.60 -39.16
C GLY I 54 -13.38 5.02 -40.58
N GLU I 55 -14.21 5.89 -41.16
CA GLU I 55 -14.03 6.43 -42.48
C GLU I 55 -13.81 7.95 -42.43
N LEU I 56 -13.09 8.47 -43.42
CA LEU I 56 -12.83 9.90 -43.45
C LEU I 56 -14.15 10.64 -43.69
N ALA I 57 -14.36 11.72 -42.96
CA ALA I 57 -15.55 12.56 -43.15
C ALA I 57 -15.48 13.25 -44.52
N SER I 58 -14.26 13.37 -45.06
CA SER I 58 -14.04 13.86 -46.41
C SER I 58 -14.77 13.03 -47.47
N PRO J 1 25.39 -16.08 33.78
CA PRO J 1 24.17 -15.78 33.02
C PRO J 1 24.43 -15.71 31.51
N ILE J 2 23.48 -16.23 30.75
CA ILE J 2 23.55 -16.26 29.29
C ILE J 2 22.28 -15.67 28.75
N ALA J 3 22.41 -14.61 27.97
CA ALA J 3 21.25 -13.93 27.43
C ALA J 3 21.28 -14.11 25.94
N GLN J 4 20.13 -14.30 25.35
CA GLN J 4 19.98 -14.27 23.90
C GLN J 4 18.93 -13.23 23.58
N ILE J 5 19.22 -12.33 22.63
CA ILE J 5 18.34 -11.21 22.30
C ILE J 5 18.00 -11.28 20.83
N HIS J 6 16.74 -11.52 20.51
CA HIS J 6 16.23 -11.47 19.15
C HIS J 6 15.82 -10.03 18.83
N ILE J 7 16.42 -9.48 17.77
CA ILE J 7 16.19 -8.14 17.32
C ILE J 7 16.00 -8.18 15.80
N LEU J 8 15.30 -7.18 15.26
CA LEU J 8 15.17 -7.07 13.81
C LEU J 8 16.50 -6.62 13.22
N GLU J 9 16.80 -7.20 12.05
CA GLU J 9 17.95 -6.82 11.23
C GLU J 9 17.95 -5.33 10.92
N GLY J 10 19.13 -4.81 10.64
CA GLY J 10 19.27 -3.47 10.05
C GLY J 10 20.16 -2.52 10.83
N ARG J 11 20.55 -2.88 12.05
CA ARG J 11 21.36 -2.02 12.87
C ARG J 11 22.86 -2.17 12.57
N SER J 12 23.60 -1.11 12.86
CA SER J 12 25.06 -1.12 12.71
C SER J 12 25.73 -2.04 13.75
N ASP J 13 26.92 -2.50 13.40
CA ASP J 13 27.76 -3.24 14.35
C ASP J 13 28.02 -2.46 15.65
N GLU J 14 28.26 -1.16 15.52
CA GLU J 14 28.48 -0.29 16.67
C GLU J 14 27.28 -0.31 17.65
N GLN J 15 26.07 -0.18 17.12
CA GLN J 15 24.90 -0.17 17.96
C GLN J 15 24.68 -1.54 18.62
N LYS J 16 25.02 -2.62 17.93
CA LYS J 16 24.88 -3.96 18.51
C LYS J 16 25.95 -4.18 19.59
N GLU J 17 27.13 -3.58 19.42
CA GLU J 17 28.13 -3.65 20.49
C GLU J 17 27.65 -2.91 21.75
N THR J 18 27.05 -1.75 21.58
CA THR J 18 26.45 -1.01 22.70
C THR J 18 25.40 -1.85 23.41
N LEU J 19 24.48 -2.42 22.65
CA LEU J 19 23.48 -3.33 23.19
C LEU J 19 24.12 -4.43 24.04
N ILE J 20 25.11 -5.12 23.50
CA ILE J 20 25.79 -6.19 24.23
C ILE J 20 26.36 -5.64 25.54
N ARG J 21 27.05 -4.51 25.49
CA ARG J 21 27.71 -3.96 26.66
C ARG J 21 26.69 -3.52 27.70
N GLU J 22 25.68 -2.78 27.29
CA GLU J 22 24.68 -2.24 28.23
CA GLU J 22 24.71 -2.25 28.25
C GLU J 22 23.83 -3.35 28.85
N VAL J 23 23.46 -4.34 28.04
CA VAL J 23 22.71 -5.45 28.61
C VAL J 23 23.57 -6.28 29.56
N SER J 24 24.83 -6.49 29.22
CA SER J 24 25.70 -7.27 30.09
C SER J 24 25.85 -6.55 31.45
N GLU J 25 26.01 -5.23 31.41
CA GLU J 25 26.16 -4.47 32.64
C GLU J 25 24.90 -4.53 33.47
N ALA J 26 23.74 -4.45 32.81
CA ALA J 26 22.46 -4.55 33.50
C ALA J 26 22.28 -5.89 34.22
N ILE J 27 22.67 -6.97 33.55
CA ILE J 27 22.63 -8.30 34.15
C ILE J 27 23.56 -8.37 35.35
N SER J 28 24.78 -7.88 35.15
CA SER J 28 25.79 -7.89 36.23
C SER J 28 25.33 -7.09 37.46
N ARG J 29 24.77 -5.90 37.23
CA ARG J 29 24.33 -5.01 38.32
C ARG J 29 23.18 -5.67 39.08
N SER J 30 22.26 -6.23 38.30
CA SER J 30 20.97 -6.69 38.80
C SER J 30 21.17 -7.88 39.69
N LEU J 31 22.11 -8.74 39.32
CA LEU J 31 22.26 -10.06 39.94
C LEU J 31 23.46 -10.11 40.88
N ASP J 32 24.15 -8.98 41.03
CA ASP J 32 25.47 -8.98 41.65
C ASP J 32 26.31 -10.16 41.15
N ALA J 33 26.33 -10.34 39.82
CA ALA J 33 27.11 -11.39 39.17
C ALA J 33 28.32 -10.79 38.46
N PRO J 34 29.46 -11.48 38.49
CA PRO J 34 30.65 -10.93 37.84
C PRO J 34 30.38 -10.64 36.36
N LEU J 35 30.75 -9.44 35.89
CA LEU J 35 30.43 -9.05 34.54
C LEU J 35 31.07 -10.02 33.57
N THR J 36 32.29 -10.45 33.93
CA THR J 36 33.05 -11.40 33.15
C THR J 36 32.39 -12.77 32.97
N SER J 37 31.39 -13.10 33.79
CA SER J 37 30.68 -14.37 33.63
C SER J 37 29.46 -14.28 32.69
N VAL J 38 29.17 -13.07 32.21
CA VAL J 38 27.96 -12.82 31.42
C VAL J 38 28.24 -12.99 29.91
N ARG J 39 27.47 -13.86 29.27
CA ARG J 39 27.48 -14.05 27.84
C ARG J 39 26.21 -13.56 27.20
N VAL J 40 26.32 -12.86 26.07
CA VAL J 40 25.17 -12.33 25.36
C VAL J 40 25.29 -12.76 23.89
N ILE J 41 24.20 -13.32 23.36
CA ILE J 41 24.06 -13.68 21.96
C ILE J 41 23.02 -12.76 21.34
N ILE J 42 23.39 -12.06 20.26
CA ILE J 42 22.49 -11.27 19.48
C ILE J 42 22.07 -12.10 18.29
N THR J 43 20.76 -12.28 18.15
CA THR J 43 20.19 -13.00 17.02
C THR J 43 19.32 -12.07 16.18
N GLU J 44 19.79 -11.74 14.98
CA GLU J 44 19.03 -10.86 14.10
C GLU J 44 17.97 -11.64 13.37
N MET J 45 16.80 -11.05 13.27
CA MET J 45 15.65 -11.65 12.57
C MET J 45 15.45 -10.88 11.29
N ALA J 46 15.34 -11.60 10.20
CA ALA J 46 14.90 -11.01 8.95
C ALA J 46 13.47 -10.47 9.12
N LYS J 47 13.15 -9.38 8.39
CA LYS J 47 11.83 -8.74 8.55
C LYS J 47 10.65 -9.67 8.18
N GLY J 48 10.90 -10.60 7.27
CA GLY J 48 9.88 -11.57 6.85
C GLY J 48 9.82 -12.80 7.72
N HIS J 49 10.58 -12.78 8.82
CA HIS J 49 10.66 -13.92 9.74
C HIS J 49 10.10 -13.63 11.12
N PHE J 50 9.50 -12.48 11.33
CA PHE J 50 8.97 -12.13 12.64
C PHE J 50 7.55 -11.64 12.54
N GLY J 51 6.64 -12.39 13.18
CA GLY J 51 5.23 -12.09 13.18
C GLY J 51 4.74 -11.58 14.53
N ILE J 52 3.83 -10.60 14.47
CA ILE J 52 3.03 -10.22 15.63
C ILE J 52 1.59 -10.23 15.19
N GLY J 53 0.72 -10.91 15.95
CA GLY J 53 -0.69 -10.89 15.58
C GLY J 53 -0.97 -11.65 14.31
N GLY J 54 0.01 -12.48 13.88
CA GLY J 54 -0.14 -13.25 12.67
C GLY J 54 0.34 -12.54 11.40
N GLU J 55 0.76 -11.29 11.55
CA GLU J 55 1.21 -10.47 10.44
C GLU J 55 2.70 -10.11 10.59
N LEU J 56 3.39 -9.91 9.48
CA LEU J 56 4.80 -9.53 9.56
C LEU J 56 4.96 -8.19 10.28
N ALA J 57 6.04 -8.06 11.03
CA ALA J 57 6.48 -6.76 11.54
C ALA J 57 7.18 -5.88 10.47
N SER J 58 7.45 -6.46 9.29
CA SER J 58 8.03 -5.72 8.15
C SER J 58 6.96 -5.05 7.29
N LYS J 59 5.72 -5.43 7.56
CA LYS J 59 4.53 -4.74 7.11
C LYS J 59 4.05 -3.86 8.28
N VAL J 60 3.89 -4.53 9.41
CA VAL J 60 3.56 -3.89 10.70
C VAL J 60 4.80 -3.26 11.34
N PRO K 1 12.04 -6.26 20.49
CA PRO K 1 13.14 -7.13 20.94
C PRO K 1 12.66 -8.11 22.02
N ILE K 2 13.17 -9.33 21.95
CA ILE K 2 12.82 -10.38 22.89
C ILE K 2 14.12 -10.94 23.45
N ALA K 3 14.32 -10.83 24.76
CA ALA K 3 15.50 -11.33 25.41
C ALA K 3 15.12 -12.52 26.30
N GLN K 4 15.87 -13.59 26.22
CA GLN K 4 15.79 -14.70 27.13
C GLN K 4 17.09 -14.76 27.92
N ILE K 5 16.97 -14.85 29.23
CA ILE K 5 18.15 -14.89 30.08
C ILE K 5 18.16 -16.12 30.94
N HIS K 6 19.13 -17.01 30.69
CA HIS K 6 19.34 -18.18 31.55
C HIS K 6 20.20 -17.77 32.72
N ILE K 7 19.69 -18.02 33.93
CA ILE K 7 20.38 -17.72 35.18
C ILE K 7 20.28 -18.92 36.10
N LEU K 8 21.22 -19.01 37.04
CA LEU K 8 21.16 -20.05 38.04
C LEU K 8 20.02 -19.77 39.02
N GLU K 9 19.35 -20.86 39.41
CA GLU K 9 18.34 -20.82 40.45
C GLU K 9 18.90 -20.24 41.74
N GLY K 10 18.01 -19.69 42.57
CA GLY K 10 18.38 -19.30 43.93
C GLY K 10 18.06 -17.89 44.33
N ARG K 11 17.79 -17.03 43.35
CA ARG K 11 17.51 -15.62 43.62
C ARG K 11 16.07 -15.35 43.99
N SER K 12 15.85 -14.25 44.71
CA SER K 12 14.52 -13.81 45.09
C SER K 12 13.72 -13.29 43.90
N ASP K 13 12.40 -13.32 44.04
CA ASP K 13 11.47 -12.69 43.09
C ASP K 13 11.82 -11.23 42.82
N GLU K 14 12.13 -10.49 43.89
CA GLU K 14 12.44 -9.08 43.79
C GLU K 14 13.66 -8.89 42.92
N GLN K 15 14.71 -9.70 43.15
CA GLN K 15 15.95 -9.53 42.35
C GLN K 15 15.69 -9.83 40.86
N LYS K 16 14.85 -10.82 40.58
CA LYS K 16 14.53 -11.16 39.20
C LYS K 16 13.66 -10.07 38.56
N GLU K 17 12.79 -9.43 39.34
CA GLU K 17 12.04 -8.28 38.85
C GLU K 17 12.97 -7.12 38.46
N THR K 18 13.99 -6.90 39.28
CA THR K 18 14.99 -5.89 38.99
C THR K 18 15.73 -6.18 37.68
N LEU K 19 16.15 -7.43 37.53
CA LEU K 19 16.78 -7.91 36.31
C LEU K 19 15.92 -7.61 35.09
N ILE K 20 14.66 -7.99 35.12
CA ILE K 20 13.75 -7.71 34.01
C ILE K 20 13.66 -6.23 33.69
N ARG K 21 13.52 -5.40 34.71
CA ARG K 21 13.38 -3.97 34.49
C ARG K 21 14.67 -3.39 33.91
N GLU K 22 15.80 -3.69 34.53
CA GLU K 22 17.09 -3.10 34.10
C GLU K 22 17.52 -3.56 32.72
N VAL K 23 17.31 -4.85 32.42
CA VAL K 23 17.62 -5.32 31.08
C VAL K 23 16.70 -4.69 30.04
N SER K 24 15.42 -4.53 30.36
CA SER K 24 14.48 -3.90 29.43
C SER K 24 14.86 -2.45 29.11
N GLU K 25 15.24 -1.71 30.16
CA GLU K 25 15.66 -0.34 29.98
C GLU K 25 16.95 -0.29 29.14
N ALA K 26 17.88 -1.21 29.36
CA ALA K 26 19.14 -1.22 28.63
C ALA K 26 18.93 -1.50 27.15
N ILE K 27 18.00 -2.41 26.87
CA ILE K 27 17.65 -2.71 25.50
C ILE K 27 17.01 -1.50 24.83
N SER K 28 16.01 -0.92 25.49
CA SER K 28 15.31 0.27 25.00
C SER K 28 16.27 1.44 24.72
N ARG K 29 17.16 1.72 25.67
CA ARG K 29 18.13 2.80 25.57
C ARG K 29 19.11 2.53 24.43
N SER K 30 19.58 1.29 24.35
CA SER K 30 20.66 0.89 23.42
C SER K 30 20.19 1.00 22.00
N LEU K 31 18.93 0.62 21.80
CA LEU K 31 18.36 0.48 20.46
C LEU K 31 17.46 1.66 20.03
N ASP K 32 17.20 2.61 20.93
CA ASP K 32 16.06 3.54 20.75
C ASP K 32 14.80 2.78 20.34
N ALA K 33 14.49 1.73 21.08
CA ALA K 33 13.27 0.96 20.86
C ALA K 33 12.28 1.28 21.97
N PRO K 34 10.98 1.40 21.62
CA PRO K 34 9.96 1.65 22.64
C PRO K 34 9.96 0.57 23.70
N LEU K 35 9.89 0.99 24.96
CA LEU K 35 9.97 0.08 26.08
C LEU K 35 8.84 -0.94 25.95
N THR K 36 7.69 -0.49 25.45
CA THR K 36 6.53 -1.35 25.29
C THR K 36 6.78 -2.55 24.39
N SER K 37 7.76 -2.42 23.51
CA SER K 37 8.07 -3.45 22.53
C SER K 37 9.01 -4.52 23.11
N VAL K 38 9.52 -4.30 24.32
CA VAL K 38 10.60 -5.12 24.85
C VAL K 38 10.02 -6.23 25.76
N ARG K 39 10.30 -7.46 25.40
CA ARG K 39 9.94 -8.63 26.18
C ARG K 39 11.16 -9.34 26.74
N VAL K 40 11.05 -9.75 28.01
CA VAL K 40 12.12 -10.45 28.66
C VAL K 40 11.60 -11.74 29.31
N ILE K 41 12.28 -12.85 29.04
CA ILE K 41 11.99 -14.15 29.60
C ILE K 41 13.14 -14.55 30.50
N ILE K 42 12.89 -14.84 31.78
CA ILE K 42 13.91 -15.37 32.67
CA ILE K 42 13.92 -15.35 32.63
C ILE K 42 13.75 -16.87 32.72
N THR K 43 14.83 -17.58 32.48
CA THR K 43 14.83 -19.03 32.56
C THR K 43 15.84 -19.49 33.62
N GLU K 44 15.30 -20.01 34.73
CA GLU K 44 16.14 -20.46 35.82
C GLU K 44 16.65 -21.86 35.56
N MET K 45 17.95 -22.04 35.81
CA MET K 45 18.60 -23.32 35.63
C MET K 45 18.87 -23.94 37.00
N ALA K 46 18.49 -25.19 37.13
CA ALA K 46 18.90 -26.03 38.27
C ALA K 46 20.43 -26.16 38.32
N LYS K 47 20.98 -26.22 39.53
CA LYS K 47 22.43 -26.25 39.71
C LYS K 47 23.05 -27.47 38.99
N GLY K 48 22.32 -28.58 38.97
CA GLY K 48 22.76 -29.77 38.26
C GLY K 48 22.53 -29.80 36.75
N HIS K 49 22.10 -28.68 36.20
CA HIS K 49 21.72 -28.60 34.81
C HIS K 49 22.64 -27.66 34.01
N PHE K 50 23.66 -27.10 34.64
CA PHE K 50 24.50 -26.11 33.96
C PHE K 50 25.94 -26.51 34.10
N GLY K 51 26.59 -26.73 32.97
CA GLY K 51 28.00 -27.09 32.94
C GLY K 51 28.88 -25.99 32.37
N ILE K 52 30.08 -25.89 32.94
CA ILE K 52 31.15 -25.09 32.39
C ILE K 52 32.39 -25.96 32.34
N GLY K 53 33.00 -26.08 31.16
CA GLY K 53 34.17 -26.92 31.01
C GLY K 53 33.94 -28.38 31.33
N GLY K 54 32.72 -28.84 31.11
CA GLY K 54 32.37 -30.26 31.29
C GLY K 54 32.01 -30.67 32.71
N GLU K 55 32.06 -29.74 33.67
CA GLU K 55 31.69 -29.97 35.08
C GLU K 55 30.52 -29.07 35.46
N LEU K 56 29.72 -29.50 36.42
CA LEU K 56 28.70 -28.61 36.96
C LEU K 56 29.33 -27.29 37.41
N ALA K 57 28.75 -26.17 37.01
CA ALA K 57 29.27 -24.85 37.43
C ALA K 57 29.30 -24.73 38.96
N SER K 58 28.33 -25.37 39.61
CA SER K 58 28.28 -25.43 41.07
C SER K 58 29.51 -26.14 41.65
N LYS K 59 30.10 -27.06 40.88
CA LYS K 59 31.30 -27.76 41.32
C LYS K 59 32.61 -27.06 40.93
N VAL K 60 32.52 -26.00 40.12
CA VAL K 60 33.72 -25.26 39.72
C VAL K 60 33.50 -23.75 39.77
N PRO L 1 15.82 -36.37 22.37
CA PRO L 1 16.59 -35.18 22.75
C PRO L 1 16.86 -34.24 21.60
N ILE L 2 16.85 -32.95 21.88
CA ILE L 2 17.09 -31.92 20.88
C ILE L 2 18.15 -30.96 21.43
N ALA L 3 19.30 -30.91 20.75
CA ALA L 3 20.37 -30.03 21.16
C ALA L 3 20.51 -28.89 20.17
N GLN L 4 20.66 -27.69 20.69
CA GLN L 4 21.00 -26.52 19.89
C GLN L 4 22.33 -26.00 20.37
N ILE L 5 23.26 -25.90 19.43
CA ILE L 5 24.63 -25.49 19.75
C ILE L 5 24.97 -24.19 19.05
N HIS L 6 25.17 -23.16 19.85
CA HIS L 6 25.62 -21.86 19.37
C HIS L 6 27.15 -21.85 19.31
N ILE L 7 27.67 -21.69 18.10
CA ILE L 7 29.12 -21.69 17.89
C ILE L 7 29.48 -20.45 17.08
N LEU L 8 30.71 -19.98 17.22
CA LEU L 8 31.18 -18.90 16.37
C LEU L 8 31.31 -19.37 14.91
N GLU L 9 31.00 -18.46 14.00
CA GLU L 9 31.23 -18.64 12.58
CA GLU L 9 31.21 -18.67 12.57
C GLU L 9 32.68 -19.05 12.30
N GLY L 10 32.89 -19.78 11.22
CA GLY L 10 34.24 -19.99 10.69
C GLY L 10 34.61 -21.44 10.43
N ARG L 11 33.81 -22.37 10.95
CA ARG L 11 34.12 -23.79 10.83
CA ARG L 11 34.16 -23.78 10.83
C ARG L 11 33.75 -24.32 9.44
N SER L 12 34.44 -25.35 8.98
CA SER L 12 34.07 -26.04 7.76
C SER L 12 32.79 -26.89 7.92
N ASP L 13 32.19 -27.22 6.79
CA ASP L 13 31.08 -28.15 6.77
C ASP L 13 31.49 -29.48 7.37
N GLU L 14 32.73 -29.90 7.14
CA GLU L 14 33.18 -31.19 7.65
C GLU L 14 33.29 -31.17 9.18
N GLN L 15 33.84 -30.07 9.72
CA GLN L 15 33.96 -29.93 11.15
C GLN L 15 32.56 -29.93 11.79
N LYS L 16 31.60 -29.26 11.16
CA LYS L 16 30.25 -29.20 11.69
C LYS L 16 29.55 -30.56 11.59
N GLU L 17 29.84 -31.33 10.55
CA GLU L 17 29.32 -32.70 10.44
C GLU L 17 29.85 -33.55 11.58
N THR L 18 31.13 -33.39 11.85
CA THR L 18 31.75 -34.10 12.97
C THR L 18 31.15 -33.70 14.31
N LEU L 19 30.93 -32.41 14.51
CA LEU L 19 30.25 -31.92 15.70
C LEU L 19 28.88 -32.56 15.90
N ILE L 20 28.09 -32.57 14.85
CA ILE L 20 26.75 -33.17 14.91
C ILE L 20 26.83 -34.64 15.31
N ARG L 21 27.75 -35.37 14.68
CA ARG L 21 27.83 -36.80 14.91
C ARG L 21 28.30 -37.07 16.35
N GLU L 22 29.38 -36.43 16.75
CA GLU L 22 29.96 -36.69 18.08
C GLU L 22 29.03 -36.25 19.21
N VAL L 23 28.41 -35.08 19.08
CA VAL L 23 27.45 -34.63 20.09
C VAL L 23 26.27 -35.59 20.16
N SER L 24 25.81 -36.06 19.02
CA SER L 24 24.63 -36.94 19.00
C SER L 24 24.96 -38.26 19.68
N GLU L 25 26.15 -38.78 19.41
CA GLU L 25 26.63 -40.01 20.03
C GLU L 25 26.80 -39.85 21.53
N ALA L 26 27.31 -38.68 21.94
CA ALA L 26 27.48 -38.41 23.36
C ALA L 26 26.13 -38.40 24.08
N ILE L 27 25.14 -37.77 23.45
CA ILE L 27 23.80 -37.68 24.04
C ILE L 27 23.20 -39.08 24.19
N SER L 28 23.23 -39.83 23.09
CA SER L 28 22.73 -41.20 23.07
C SER L 28 23.39 -42.07 24.15
N ARG L 29 24.72 -42.03 24.18
CA ARG L 29 25.51 -42.81 25.17
C ARG L 29 25.18 -42.42 26.63
N SER L 30 25.05 -41.12 26.86
CA SER L 30 24.89 -40.60 28.23
C SER L 30 23.53 -40.91 28.82
N LEU L 31 22.51 -40.94 27.95
CA LEU L 31 21.11 -41.07 28.37
C LEU L 31 20.52 -42.42 28.00
N ASP L 32 21.35 -43.32 27.46
CA ASP L 32 20.86 -44.56 26.85
C ASP L 32 19.61 -44.31 26.01
N ALA L 33 19.71 -43.29 25.14
CA ALA L 33 18.62 -42.90 24.26
C ALA L 33 18.99 -43.31 22.85
N PRO L 34 18.01 -43.80 22.08
CA PRO L 34 18.30 -44.21 20.70
C PRO L 34 18.85 -43.05 19.88
N LEU L 35 20.00 -43.28 19.26
CA LEU L 35 20.68 -42.26 18.47
C LEU L 35 19.73 -41.67 17.42
N THR L 36 18.85 -42.52 16.90
CA THR L 36 17.95 -42.12 15.82
C THR L 36 16.95 -41.05 16.30
N SER L 37 16.77 -40.93 17.62
CA SER L 37 15.85 -39.93 18.20
C SER L 37 16.51 -38.55 18.44
N VAL L 38 17.82 -38.45 18.22
CA VAL L 38 18.55 -37.25 18.61
C VAL L 38 18.61 -36.27 17.47
N ARG L 39 18.19 -35.03 17.74
CA ARG L 39 18.28 -33.95 16.76
C ARG L 39 19.26 -32.92 17.26
N VAL L 40 20.04 -32.38 16.33
CA VAL L 40 20.99 -31.33 16.66
C VAL L 40 20.82 -30.18 15.67
N ILE L 41 20.79 -28.97 16.22
CA ILE L 41 20.73 -27.73 15.47
C ILE L 41 22.02 -26.99 15.75
N ILE L 42 22.79 -26.71 14.69
CA ILE L 42 23.93 -25.81 14.81
C ILE L 42 23.51 -24.39 14.45
N THR L 43 23.83 -23.46 15.33
CA THR L 43 23.53 -22.06 15.12
C THR L 43 24.82 -21.27 15.16
N GLU L 44 25.25 -20.80 14.00
CA GLU L 44 26.46 -20.01 13.90
C GLU L 44 26.22 -18.53 14.27
N MET L 45 27.10 -17.99 15.07
CA MET L 45 27.03 -16.62 15.50
C MET L 45 28.10 -15.81 14.78
N ALA L 46 27.73 -14.67 14.21
CA ALA L 46 28.72 -13.69 13.78
C ALA L 46 29.58 -13.24 14.95
N LYS L 47 30.85 -12.95 14.70
CA LYS L 47 31.74 -12.55 15.80
C LYS L 47 31.29 -11.22 16.46
N GLY L 48 30.64 -10.35 15.70
CA GLY L 48 30.06 -9.13 16.28
C GLY L 48 28.76 -9.30 17.04
N HIS L 49 28.29 -10.55 17.13
CA HIS L 49 27.01 -10.83 17.78
C HIS L 49 27.16 -11.65 19.05
N PHE L 50 28.38 -11.86 19.49
CA PHE L 50 28.64 -12.64 20.69
C PHE L 50 29.52 -11.89 21.68
N GLY L 51 28.99 -11.68 22.90
CA GLY L 51 29.67 -10.95 23.92
C GLY L 51 30.05 -11.84 25.09
N ILE L 52 31.23 -11.57 25.62
CA ILE L 52 31.67 -12.13 26.89
C ILE L 52 32.16 -11.00 27.79
N GLY L 53 31.55 -10.86 28.97
CA GLY L 53 31.85 -9.74 29.85
C GLY L 53 31.61 -8.39 29.22
N GLY L 54 30.68 -8.33 28.27
CA GLY L 54 30.25 -7.06 27.69
C GLY L 54 31.09 -6.63 26.51
N GLU L 55 32.09 -7.45 26.14
CA GLU L 55 33.01 -7.18 25.04
C GLU L 55 32.81 -8.21 23.92
N LEU L 56 33.03 -7.80 22.68
CA LEU L 56 32.87 -8.72 21.55
C LEU L 56 33.90 -9.84 21.55
N ALA L 57 33.48 -10.99 21.04
CA ALA L 57 34.37 -12.10 20.71
C ALA L 57 35.35 -11.75 19.58
N SER L 58 34.96 -10.83 18.69
CA SER L 58 35.87 -10.32 17.66
C SER L 58 36.78 -9.24 18.22
N LYS L 59 36.98 -9.22 19.53
CA LYS L 59 37.98 -8.34 20.12
C LYS L 59 38.60 -8.94 21.39
N VAL L 60 38.69 -10.26 21.45
CA VAL L 60 39.31 -10.93 22.59
C VAL L 60 39.57 -12.40 22.33
N PRO M 1 10.57 -29.82 11.04
CA PRO M 1 10.40 -28.56 11.81
C PRO M 1 10.32 -28.77 13.31
N ILE M 2 10.92 -27.85 14.05
CA ILE M 2 10.92 -27.90 15.51
C ILE M 2 10.43 -26.56 16.05
N ALA M 3 9.31 -26.58 16.76
CA ALA M 3 8.74 -25.36 17.32
C ALA M 3 8.91 -25.39 18.83
N GLN M 4 9.27 -24.26 19.39
CA GLN M 4 9.21 -24.06 20.83
C GLN M 4 8.29 -22.91 21.14
N ILE M 5 7.37 -23.12 22.07
CA ILE M 5 6.35 -22.11 22.37
C ILE M 5 6.44 -21.80 23.87
N HIS M 6 6.85 -20.57 24.16
CA HIS M 6 6.80 -20.02 25.51
C HIS M 6 5.42 -19.50 25.80
N ILE M 7 4.79 -20.02 26.86
CA ILE M 7 3.47 -19.60 27.27
C ILE M 7 3.52 -19.35 28.78
N LEU M 8 2.60 -18.53 29.28
CA LEU M 8 2.47 -18.39 30.72
C LEU M 8 1.99 -19.69 31.37
N GLU M 9 2.49 -19.97 32.57
CA GLU M 9 2.01 -21.09 33.38
C GLU M 9 0.51 -20.95 33.70
N GLY M 10 -0.13 -22.09 33.94
CA GLY M 10 -1.45 -22.14 34.51
C GLY M 10 -2.51 -22.88 33.73
N ARG M 11 -2.17 -23.33 32.51
CA ARG M 11 -3.13 -24.04 31.66
C ARG M 11 -3.15 -25.54 31.96
N SER M 12 -4.27 -26.20 31.67
CA SER M 12 -4.37 -27.64 31.87
C SER M 12 -3.53 -28.45 30.90
N ASP M 13 -3.27 -29.69 31.27
CA ASP M 13 -2.58 -30.60 30.35
C ASP M 13 -3.38 -30.74 29.06
N GLU M 14 -4.70 -30.83 29.16
CA GLU M 14 -5.53 -31.01 27.97
C GLU M 14 -5.39 -29.84 27.00
N GLN M 15 -5.38 -28.63 27.52
CA GLN M 15 -5.32 -27.45 26.67
C GLN M 15 -3.93 -27.39 26.00
N LYS M 16 -2.89 -27.82 26.71
CA LYS M 16 -1.55 -27.90 26.14
C LYS M 16 -1.42 -28.98 25.07
N GLU M 17 -2.14 -30.08 25.25
CA GLU M 17 -2.19 -31.12 24.24
CA GLU M 17 -2.18 -31.12 24.23
C GLU M 17 -2.84 -30.59 22.95
N THR M 18 -3.91 -29.84 23.12
CA THR M 18 -4.57 -29.21 21.97
C THR M 18 -3.61 -28.26 21.25
N LEU M 19 -2.90 -27.47 22.02
CA LEU M 19 -1.91 -26.54 21.49
C LEU M 19 -0.87 -27.26 20.63
N ILE M 20 -0.33 -28.34 21.17
CA ILE M 20 0.65 -29.14 20.44
C ILE M 20 0.07 -29.69 19.14
N ARG M 21 -1.15 -30.24 19.20
CA ARG M 21 -1.76 -30.83 18.00
CA ARG M 21 -1.77 -30.82 18.01
C ARG M 21 -2.04 -29.77 16.94
N GLU M 22 -2.70 -28.68 17.33
CA GLU M 22 -3.13 -27.67 16.38
C GLU M 22 -1.93 -26.94 15.74
N VAL M 23 -0.91 -26.64 16.55
CA VAL M 23 0.28 -26.00 16.01
C VAL M 23 1.00 -26.96 15.06
N SER M 24 1.07 -28.23 15.43
CA SER M 24 1.75 -29.23 14.60
C SER M 24 1.04 -29.36 13.25
N GLU M 25 -0.30 -29.42 13.28
CA GLU M 25 -1.11 -29.43 12.05
C GLU M 25 -0.90 -28.19 11.18
N ALA M 26 -0.79 -27.02 11.81
CA ALA M 26 -0.62 -25.77 11.09
C ALA M 26 0.76 -25.73 10.38
N ILE M 27 1.77 -26.23 11.06
CA ILE M 27 3.12 -26.32 10.50
C ILE M 27 3.13 -27.26 9.29
N SER M 28 2.53 -28.44 9.46
CA SER M 28 2.47 -29.45 8.41
C SER M 28 1.73 -28.93 7.18
N ARG M 29 0.57 -28.33 7.42
CA ARG M 29 -0.25 -27.80 6.33
CA ARG M 29 -0.26 -27.76 6.36
C ARG M 29 0.47 -26.66 5.61
N SER M 30 1.03 -25.72 6.37
CA SER M 30 1.63 -24.50 5.84
C SER M 30 2.82 -24.84 4.96
N LEU M 31 3.60 -25.82 5.39
CA LEU M 31 4.89 -26.14 4.74
C LEU M 31 4.79 -27.33 3.79
N ASP M 32 3.63 -27.97 3.77
CA ASP M 32 3.46 -29.23 3.07
C ASP M 32 4.56 -30.20 3.51
N ALA M 33 4.75 -30.28 4.83
CA ALA M 33 5.75 -31.14 5.46
C ALA M 33 5.07 -32.24 6.23
N PRO M 34 5.68 -33.43 6.29
CA PRO M 34 5.01 -34.54 6.95
C PRO M 34 4.78 -34.27 8.43
N LEU M 35 3.58 -34.53 8.90
CA LEU M 35 3.24 -34.25 10.31
C LEU M 35 4.18 -35.02 11.25
N THR M 36 4.60 -36.21 10.86
CA THR M 36 5.48 -37.02 11.70
C THR M 36 6.83 -36.34 11.92
N SER M 37 7.19 -35.41 11.02
CA SER M 37 8.47 -34.71 11.13
C SER M 37 8.43 -33.53 12.10
N VAL M 38 7.25 -33.20 12.62
CA VAL M 38 7.10 -31.98 13.40
C VAL M 38 7.23 -32.26 14.90
N ARG M 39 8.13 -31.52 15.53
CA ARG M 39 8.31 -31.57 16.97
C ARG M 39 7.91 -30.25 17.61
N VAL M 40 7.28 -30.32 18.78
CA VAL M 40 6.84 -29.12 19.49
C VAL M 40 7.24 -29.22 20.95
N ILE M 41 7.90 -28.17 21.44
CA ILE M 41 8.27 -28.07 22.83
C ILE M 41 7.45 -26.94 23.44
N ILE M 42 6.70 -27.24 24.50
CA ILE M 42 6.00 -26.19 25.24
C ILE M 42 6.81 -25.86 26.45
N THR M 43 7.11 -24.58 26.58
CA THR M 43 7.88 -24.09 27.69
C THR M 43 7.03 -23.11 28.52
N GLU M 44 6.71 -23.50 29.75
CA GLU M 44 5.90 -22.66 30.62
C GLU M 44 6.78 -21.67 31.36
N MET M 45 6.33 -20.43 31.39
CA MET M 45 7.01 -19.36 32.11
C MET M 45 6.26 -19.05 33.39
N ALA M 46 7.00 -18.98 34.51
CA ALA M 46 6.45 -18.48 35.76
C ALA M 46 6.05 -17.02 35.60
N LYS M 47 4.99 -16.60 36.29
CA LYS M 47 4.49 -15.25 36.11
C LYS M 47 5.54 -14.20 36.49
N GLY M 48 6.42 -14.52 37.42
CA GLY M 48 7.45 -13.58 37.85
C GLY M 48 8.66 -13.61 36.95
N HIS M 49 8.58 -14.41 35.89
CA HIS M 49 9.70 -14.57 34.95
C HIS M 49 9.45 -14.01 33.56
N PHE M 50 8.36 -13.29 33.37
CA PHE M 50 8.03 -12.76 32.05
C PHE M 50 7.69 -11.27 32.13
N GLY M 51 8.46 -10.47 31.41
CA GLY M 51 8.32 -9.03 31.39
C GLY M 51 7.88 -8.52 30.04
N ILE M 52 6.96 -7.55 30.06
CA ILE M 52 6.65 -6.69 28.93
C ILE M 52 6.87 -5.26 29.36
N GLY M 53 7.67 -4.52 28.60
CA GLY M 53 7.89 -3.11 28.87
C GLY M 53 8.60 -2.89 30.20
N GLY M 54 9.30 -3.92 30.67
CA GLY M 54 10.06 -3.84 31.92
C GLY M 54 9.27 -4.19 33.18
N GLU M 55 7.97 -4.45 33.02
CA GLU M 55 7.11 -4.84 34.14
C GLU M 55 6.72 -6.31 33.99
N LEU M 56 6.39 -6.97 35.11
CA LEU M 56 5.92 -8.35 35.00
C LEU M 56 4.63 -8.39 34.19
N ALA M 57 4.49 -9.37 33.29
CA ALA M 57 3.28 -9.42 32.46
C ALA M 57 2.05 -9.73 33.31
N SER M 58 2.25 -10.51 34.37
CA SER M 58 1.29 -10.59 35.48
C SER M 58 1.43 -9.34 36.37
N PRO N 1 2.04 -15.42 24.19
CA PRO N 1 2.75 -16.57 23.64
C PRO N 1 3.79 -16.18 22.59
N ILE N 2 4.97 -16.75 22.71
CA ILE N 2 6.08 -16.55 21.77
C ILE N 2 6.53 -17.91 21.21
N ALA N 3 6.39 -18.09 19.91
CA ALA N 3 6.79 -19.32 19.25
C ALA N 3 8.03 -19.07 18.40
N GLN N 4 9.01 -19.95 18.50
CA GLN N 4 10.13 -19.99 17.58
C GLN N 4 10.04 -21.29 16.83
N ILE N 5 10.14 -21.19 15.50
CA ILE N 5 10.03 -22.36 14.63
C ILE N 5 11.30 -22.49 13.80
N HIS N 6 12.06 -23.53 14.07
CA HIS N 6 13.20 -23.90 13.23
C HIS N 6 12.73 -24.72 12.05
N ILE N 7 13.06 -24.24 10.85
CA ILE N 7 12.71 -24.91 9.62
C ILE N 7 13.96 -24.94 8.73
N LEU N 8 13.94 -25.83 7.75
CA LEU N 8 15.03 -25.86 6.79
C LEU N 8 14.91 -24.70 5.80
N GLU N 9 16.05 -24.12 5.43
CA GLU N 9 16.07 -23.05 4.44
C GLU N 9 15.52 -23.50 3.09
N GLY N 10 15.05 -22.54 2.31
CA GLY N 10 14.72 -22.80 0.90
C GLY N 10 13.31 -22.44 0.48
N ARG N 11 12.48 -22.07 1.45
CA ARG N 11 11.10 -21.67 1.17
C ARG N 11 10.97 -20.21 0.76
N SER N 12 9.90 -19.92 -0.01
CA SER N 12 9.59 -18.55 -0.40
C SER N 12 9.16 -17.68 0.77
N ASP N 13 9.29 -16.36 0.61
CA ASP N 13 8.74 -15.40 1.58
C ASP N 13 7.25 -15.65 1.81
N GLU N 14 6.52 -15.89 0.74
CA GLU N 14 5.09 -16.07 0.86
C GLU N 14 4.76 -17.29 1.73
N GLN N 15 5.46 -18.40 1.52
CA GLN N 15 5.16 -19.60 2.28
C GLN N 15 5.44 -19.42 3.77
N LYS N 16 6.49 -18.68 4.08
CA LYS N 16 6.84 -18.38 5.45
C LYS N 16 5.83 -17.40 6.09
N GLU N 17 5.28 -16.47 5.32
CA GLU N 17 4.17 -15.59 5.79
C GLU N 17 2.95 -16.46 6.17
N THR N 18 2.64 -17.45 5.34
CA THR N 18 1.52 -18.35 5.62
C THR N 18 1.79 -19.12 6.92
N LEU N 19 2.99 -19.63 7.06
CA LEU N 19 3.39 -20.35 8.25
C LEU N 19 3.14 -19.48 9.49
N ILE N 20 3.64 -18.26 9.47
CA ILE N 20 3.44 -17.34 10.60
C ILE N 20 1.97 -17.17 10.91
N ARG N 21 1.18 -16.94 9.88
CA ARG N 21 -0.25 -16.68 10.08
C ARG N 21 -0.96 -17.89 10.66
N GLU N 22 -0.75 -19.05 10.04
CA GLU N 22 -1.44 -20.25 10.46
C GLU N 22 -1.05 -20.71 11.85
N VAL N 23 0.23 -20.61 12.18
CA VAL N 23 0.68 -21.00 13.48
C VAL N 23 0.12 -20.04 14.53
N SER N 24 0.13 -18.76 14.23
CA SER N 24 -0.41 -17.75 15.14
C SER N 24 -1.89 -18.00 15.41
N GLU N 25 -2.65 -18.30 14.38
CA GLU N 25 -4.09 -18.61 14.55
C GLU N 25 -4.28 -19.87 15.38
N ALA N 26 -3.44 -20.88 15.14
CA ALA N 26 -3.54 -22.13 15.90
C ALA N 26 -3.27 -21.93 17.38
N ILE N 27 -2.29 -21.11 17.69
CA ILE N 27 -1.99 -20.75 19.08
C ILE N 27 -3.13 -19.98 19.73
N SER N 28 -3.67 -19.00 19.04
CA SER N 28 -4.79 -18.19 19.55
C SER N 28 -6.02 -19.07 19.81
N ARG N 29 -6.41 -19.91 18.83
CA ARG N 29 -7.57 -20.82 18.93
C ARG N 29 -7.37 -21.76 20.14
N SER N 30 -6.20 -22.38 20.20
CA SER N 30 -5.88 -23.43 21.17
C SER N 30 -5.97 -22.94 22.59
N LEU N 31 -5.42 -21.73 22.81
CA LEU N 31 -5.27 -21.15 24.13
C LEU N 31 -6.40 -20.19 24.48
N ASP N 32 -7.31 -19.95 23.54
CA ASP N 32 -8.30 -18.89 23.70
C ASP N 32 -7.61 -17.61 24.14
N ALA N 33 -6.55 -17.27 23.42
CA ALA N 33 -5.75 -16.09 23.69
C ALA N 33 -5.89 -15.17 22.48
N PRO N 34 -5.81 -13.85 22.70
CA PRO N 34 -5.95 -12.96 21.56
C PRO N 34 -4.82 -13.15 20.55
N LEU N 35 -5.21 -13.24 19.29
CA LEU N 35 -4.22 -13.30 18.19
C LEU N 35 -3.17 -12.20 18.29
N THR N 36 -3.59 -11.00 18.68
CA THR N 36 -2.70 -9.85 18.80
C THR N 36 -1.52 -10.07 19.76
N SER N 37 -1.68 -10.97 20.72
CA SER N 37 -0.66 -11.23 21.73
C SER N 37 0.40 -12.23 21.25
N VAL N 38 0.19 -12.84 20.07
CA VAL N 38 1.04 -13.94 19.64
C VAL N 38 2.21 -13.46 18.78
N ARG N 39 3.41 -13.87 19.18
CA ARG N 39 4.63 -13.58 18.43
C ARG N 39 5.23 -14.87 17.87
N VAL N 40 5.66 -14.81 16.62
CA VAL N 40 6.27 -15.95 15.99
C VAL N 40 7.61 -15.53 15.38
N ILE N 41 8.63 -16.33 15.67
CA ILE N 41 9.97 -16.16 15.10
C ILE N 41 10.23 -17.35 14.21
N ILE N 42 10.57 -17.10 12.94
CA ILE N 42 10.99 -18.17 12.07
C ILE N 42 12.51 -18.16 11.98
N THR N 43 13.10 -19.31 12.20
CA THR N 43 14.54 -19.46 12.16
C THR N 43 14.90 -20.50 11.11
N GLU N 44 15.56 -20.05 10.03
CA GLU N 44 15.91 -20.97 8.98
C GLU N 44 17.25 -21.61 9.28
N MET N 45 17.30 -22.91 9.06
CA MET N 45 18.50 -23.72 9.27
C MET N 45 19.14 -24.08 7.93
N ALA N 46 20.43 -23.85 7.83
CA ALA N 46 21.20 -24.39 6.69
C ALA N 46 21.20 -25.91 6.70
N LYS N 47 21.20 -26.53 5.51
CA LYS N 47 21.00 -27.98 5.49
C LYS N 47 22.16 -28.70 6.18
N GLY N 48 23.34 -28.08 6.17
CA GLY N 48 24.49 -28.63 6.87
C GLY N 48 24.55 -28.36 8.37
N HIS N 49 23.51 -27.73 8.90
CA HIS N 49 23.41 -27.38 10.30
C HIS N 49 22.33 -28.15 11.08
N PHE N 50 21.68 -29.10 10.42
CA PHE N 50 20.62 -29.84 11.10
C PHE N 50 20.85 -31.34 10.99
N GLY N 51 21.01 -31.97 12.16
CA GLY N 51 21.26 -33.39 12.26
C GLY N 51 20.11 -34.18 12.84
N ILE N 52 19.89 -35.36 12.26
CA ILE N 52 18.98 -36.37 12.81
C ILE N 52 19.75 -37.70 12.89
N GLY N 53 19.80 -38.29 14.06
CA GLY N 53 20.52 -39.55 14.25
C GLY N 53 22.02 -39.40 14.01
N GLY N 54 22.53 -38.19 14.22
CA GLY N 54 23.95 -37.93 14.04
C GLY N 54 24.39 -37.65 12.62
N GLU N 55 23.45 -37.65 11.69
CA GLU N 55 23.71 -37.45 10.26
C GLU N 55 22.96 -36.20 9.76
N LEU N 56 23.49 -35.54 8.74
CA LEU N 56 22.84 -34.37 8.20
C LEU N 56 21.47 -34.77 7.66
N ALA N 57 20.43 -34.01 8.00
CA ALA N 57 19.12 -34.22 7.41
C ALA N 57 19.21 -33.95 5.90
N SER N 58 20.32 -33.35 5.47
CA SER N 58 20.63 -33.18 4.05
C SER N 58 21.39 -34.38 3.47
N LYS N 59 21.48 -35.47 4.23
CA LYS N 59 22.01 -36.73 3.70
C LYS N 59 21.28 -37.94 4.29
N PRO O 1 31.50 -22.02 22.68
CA PRO O 1 30.28 -22.77 22.29
C PRO O 1 29.33 -22.96 23.47
N ILE O 2 28.05 -22.75 23.21
CA ILE O 2 26.99 -22.93 24.20
C ILE O 2 25.97 -23.93 23.65
N ALA O 3 25.79 -25.06 24.33
CA ALA O 3 24.82 -26.07 23.92
C ALA O 3 23.66 -26.05 24.91
N GLN O 4 22.46 -26.09 24.37
CA GLN O 4 21.24 -26.29 25.16
C GLN O 4 20.61 -27.59 24.70
N ILE O 5 20.41 -28.51 25.64
CA ILE O 5 19.88 -29.80 25.31
C ILE O 5 18.54 -30.02 26.01
N HIS O 6 17.47 -30.13 25.21
CA HIS O 6 16.14 -30.44 25.72
C HIS O 6 16.01 -31.94 25.82
N ILE O 7 15.71 -32.42 27.03
CA ILE O 7 15.58 -33.85 27.26
C ILE O 7 14.32 -34.09 28.08
N LEU O 8 13.78 -35.29 27.96
CA LEU O 8 12.60 -35.65 28.74
C LEU O 8 12.99 -35.82 30.21
N GLU O 9 12.12 -35.37 31.10
CA GLU O 9 12.29 -35.56 32.54
C GLU O 9 12.46 -37.05 32.89
N GLY O 10 13.15 -37.32 34.00
CA GLY O 10 13.20 -38.67 34.54
C GLY O 10 14.60 -39.21 34.82
N ARG O 11 15.62 -38.55 34.30
CA ARG O 11 17.00 -39.02 34.47
C ARG O 11 17.59 -38.63 35.83
N SER O 12 18.52 -39.45 36.31
CA SER O 12 19.26 -39.15 37.54
C SER O 12 20.23 -38.02 37.35
N ASP O 13 20.59 -37.39 38.46
CA ASP O 13 21.62 -36.33 38.47
C ASP O 13 22.94 -36.84 37.88
N GLU O 14 23.27 -38.09 38.20
CA GLU O 14 24.47 -38.76 37.68
C GLU O 14 24.46 -38.89 36.16
N GLN O 15 23.31 -39.28 35.60
CA GLN O 15 23.19 -39.37 34.13
C GLN O 15 23.38 -37.98 33.49
N LYS O 16 22.80 -36.96 34.10
CA LYS O 16 22.89 -35.62 33.57
C LYS O 16 24.31 -35.03 33.70
N GLU O 17 25.01 -35.36 34.77
CA GLU O 17 26.42 -34.95 34.86
CA GLU O 17 26.45 -35.03 34.94
C GLU O 17 27.27 -35.66 33.80
N THR O 18 26.95 -36.91 33.49
CA THR O 18 27.62 -37.64 32.40
C THR O 18 27.32 -36.97 31.06
N LEU O 19 26.06 -36.62 30.85
CA LEU O 19 25.66 -35.90 29.64
C LEU O 19 26.48 -34.63 29.46
N ILE O 20 26.56 -33.82 30.51
CA ILE O 20 27.33 -32.57 30.46
C ILE O 20 28.81 -32.82 30.14
N ARG O 21 29.41 -33.80 30.79
CA ARG O 21 30.80 -34.20 30.47
C ARG O 21 30.97 -34.57 29.00
N GLU O 22 30.19 -35.55 28.57
CA GLU O 22 30.43 -36.18 27.28
C GLU O 22 30.11 -35.20 26.14
N VAL O 23 29.03 -34.43 26.28
CA VAL O 23 28.71 -33.43 25.27
C VAL O 23 29.77 -32.33 25.21
N SER O 24 30.22 -31.88 26.38
CA SER O 24 31.24 -30.82 26.41
C SER O 24 32.52 -31.31 25.75
N GLU O 25 32.93 -32.52 26.07
CA GLU O 25 34.13 -33.08 25.47
C GLU O 25 33.94 -33.23 23.96
N ALA O 26 32.78 -33.67 23.53
CA ALA O 26 32.51 -33.86 22.09
C ALA O 26 32.63 -32.51 21.36
N ILE O 27 32.10 -31.46 21.98
CA ILE O 27 32.15 -30.12 21.36
C ILE O 27 33.62 -29.68 21.24
N SER O 28 34.36 -29.83 22.34
CA SER O 28 35.74 -29.44 22.39
C SER O 28 36.58 -30.16 21.33
N ARG O 29 36.43 -31.48 21.25
CA ARG O 29 37.14 -32.34 20.30
C ARG O 29 36.83 -31.90 18.86
N SER O 30 35.54 -31.70 18.58
CA SER O 30 35.04 -31.51 17.22
C SER O 30 35.46 -30.17 16.60
N LEU O 31 35.60 -29.17 17.47
CA LEU O 31 35.81 -27.79 17.03
C LEU O 31 37.22 -27.32 17.35
N ASP O 32 38.01 -28.20 17.95
CA ASP O 32 39.31 -27.82 18.50
C ASP O 32 39.13 -26.57 19.37
N ALA O 33 38.08 -26.56 20.20
CA ALA O 33 37.83 -25.47 21.13
C ALA O 33 38.25 -25.83 22.56
N PRO O 34 38.84 -24.89 23.29
CA PRO O 34 39.22 -25.18 24.66
C PRO O 34 38.03 -25.69 25.49
N LEU O 35 38.20 -26.80 26.21
CA LEU O 35 37.09 -27.34 26.98
C LEU O 35 36.52 -26.33 27.96
N THR O 36 37.40 -25.51 28.53
CA THR O 36 37.01 -24.47 29.48
C THR O 36 36.01 -23.48 28.90
N SER O 37 36.00 -23.33 27.57
CA SER O 37 35.11 -22.36 26.91
C SER O 37 33.68 -22.89 26.70
N VAL O 38 33.46 -24.16 26.99
CA VAL O 38 32.20 -24.82 26.63
C VAL O 38 31.19 -24.81 27.76
N ARG O 39 30.02 -24.27 27.46
CA ARG O 39 28.89 -24.25 28.37
C ARG O 39 27.77 -25.13 27.86
N VAL O 40 27.16 -25.90 28.78
CA VAL O 40 26.04 -26.77 28.44
C VAL O 40 24.89 -26.48 29.41
N ILE O 41 23.70 -26.29 28.85
CA ILE O 41 22.45 -26.11 29.57
C ILE O 41 21.58 -27.31 29.31
N ILE O 42 21.18 -28.01 30.38
CA ILE O 42 20.19 -29.07 30.26
C ILE O 42 18.83 -28.49 30.59
N THR O 43 17.87 -28.71 29.69
CA THR O 43 16.48 -28.29 29.91
C THR O 43 15.59 -29.51 29.88
N GLU O 44 15.06 -29.86 31.06
CA GLU O 44 14.15 -30.98 31.15
C GLU O 44 12.74 -30.56 30.75
N MET O 45 12.11 -31.42 29.96
CA MET O 45 10.75 -31.21 29.47
C MET O 45 9.84 -32.17 30.19
N ALA O 46 8.73 -31.67 30.68
CA ALA O 46 7.67 -32.53 31.18
C ALA O 46 7.14 -33.38 30.01
N LYS O 47 6.73 -34.62 30.28
CA LYS O 47 6.20 -35.49 29.22
C LYS O 47 5.01 -34.88 28.47
N GLY O 48 4.17 -34.13 29.18
CA GLY O 48 3.02 -33.47 28.55
C GLY O 48 3.33 -32.19 27.78
N HIS O 49 4.62 -31.86 27.67
CA HIS O 49 5.09 -30.64 27.04
C HIS O 49 5.87 -30.89 25.75
N PHE O 50 5.98 -32.14 25.32
CA PHE O 50 6.75 -32.49 24.14
C PHE O 50 5.94 -33.33 23.17
N GLY O 51 5.77 -32.78 21.97
CA GLY O 51 4.98 -33.39 20.92
C GLY O 51 5.85 -33.90 19.78
N ILE O 52 5.48 -35.07 19.25
CA ILE O 52 6.02 -35.61 18.00
C ILE O 52 4.82 -35.96 17.12
N GLY O 53 4.80 -35.43 15.91
CA GLY O 53 3.68 -35.63 14.99
C GLY O 53 2.34 -35.22 15.54
N GLY O 54 2.36 -34.23 16.44
CA GLY O 54 1.15 -33.65 17.02
C GLY O 54 0.57 -34.41 18.20
N GLU O 55 1.26 -35.48 18.62
CA GLU O 55 0.87 -36.31 19.77
C GLU O 55 1.92 -36.23 20.86
N LEU O 56 1.49 -36.39 22.11
CA LEU O 56 2.42 -36.29 23.22
C LEU O 56 3.43 -37.42 23.15
N ALA O 57 4.70 -37.09 23.41
CA ALA O 57 5.71 -38.15 23.63
C ALA O 57 5.31 -39.03 24.82
N SER O 58 4.60 -38.47 25.80
CA SER O 58 4.03 -39.26 26.90
C SER O 58 3.09 -40.34 26.39
N LYS O 59 2.34 -40.04 25.34
CA LYS O 59 1.50 -41.05 24.69
C LYS O 59 2.26 -41.73 23.56
#